data_8B4S
#
_entry.id   8B4S
#
_cell.length_a   1.000
_cell.length_b   1.000
_cell.length_c   1.000
_cell.angle_alpha   90.00
_cell.angle_beta   90.00
_cell.angle_gamma   90.00
#
_symmetry.space_group_name_H-M   'P 1'
#
_entity_poly.entity_id   1
_entity_poly.type   'polypeptide(L)'
_entity_poly.pdbx_seq_one_letter_code
;SPRVCIRVCRNGVCYRRCWG
;
_entity_poly.pdbx_strand_id   A,B
#
# COMPACT_ATOMS: atom_id res chain seq x y z
N SER A 1 16.85 -1.36 -2.88
CA SER A 1 16.07 -1.94 -3.97
C SER A 1 14.63 -1.41 -3.95
N PRO A 2 13.94 -1.54 -5.09
CA PRO A 2 12.54 -1.08 -5.21
C PRO A 2 11.58 -1.96 -4.42
N ARG A 3 10.39 -1.43 -4.17
CA ARG A 3 9.37 -2.16 -3.42
C ARG A 3 7.97 -1.83 -3.94
N VAL A 4 7.07 -2.80 -3.87
CA VAL A 4 5.69 -2.61 -4.33
C VAL A 4 4.71 -3.35 -3.44
N CYS A 5 3.98 -2.61 -2.62
CA CYS A 5 3.00 -3.20 -1.72
C CYS A 5 1.72 -2.35 -1.68
N ILE A 6 0.62 -2.97 -1.26
CA ILE A 6 -0.65 -2.28 -1.17
C ILE A 6 -1.39 -2.64 0.12
N ARG A 7 -2.05 -1.65 0.71
CA ARG A 7 -2.80 -1.86 1.94
C ARG A 7 -4.28 -1.58 1.74
N VAL A 8 -5.12 -2.52 2.18
CA VAL A 8 -6.56 -2.37 2.05
C VAL A 8 -7.28 -2.84 3.30
N CYS A 9 -8.43 -2.24 3.59
CA CYS A 9 -9.21 -2.60 4.76
C CYS A 9 -10.70 -2.59 4.44
N ARG A 10 -11.37 -3.70 4.78
CA ARG A 10 -12.80 -3.83 4.52
C ARG A 10 -13.51 -4.48 5.71
N ASN A 11 -14.70 -3.99 6.02
CA ASN A 11 -15.47 -4.53 7.13
C ASN A 11 -14.60 -4.74 8.36
N GLY A 12 -13.63 -3.85 8.54
CA GLY A 12 -12.73 -3.95 9.68
C GLY A 12 -11.50 -4.78 9.37
N VAL A 13 -11.68 -5.86 8.61
CA VAL A 13 -10.57 -6.74 8.25
C VAL A 13 -9.54 -5.98 7.41
N CYS A 14 -8.27 -6.13 7.79
CA CYS A 14 -7.18 -5.47 7.08
C CYS A 14 -6.14 -6.48 6.61
N TYR A 15 -5.44 -6.16 5.55
CA TYR A 15 -4.41 -7.03 5.00
C TYR A 15 -3.57 -6.32 3.96
N ARG A 16 -2.30 -6.73 3.83
CA ARG A 16 -1.39 -6.12 2.87
C ARG A 16 -0.87 -7.16 1.88
N ARG A 17 -0.66 -6.73 0.64
CA ARG A 17 -0.17 -7.63 -0.40
C ARG A 17 0.98 -6.97 -1.17
N CYS A 18 1.98 -7.78 -1.51
CA CYS A 18 3.14 -7.30 -2.25
C CYS A 18 3.43 -8.18 -3.46
N TRP A 19 4.12 -7.61 -4.44
CA TRP A 19 4.46 -8.35 -5.65
C TRP A 19 5.96 -8.28 -5.93
N GLY A 20 6.52 -9.38 -6.41
CA GLY A 20 7.95 -9.42 -6.71
C GLY A 20 8.60 -10.70 -6.22
N SER B 1 -14.57 2.49 9.03
CA SER B 1 -14.74 2.72 7.61
C SER B 1 -13.62 2.06 6.81
N PRO B 2 -13.86 1.85 5.50
CA PRO B 2 -12.89 1.23 4.60
C PRO B 2 -11.69 2.13 4.34
N ARG B 3 -10.60 1.53 3.84
CA ARG B 3 -9.40 2.29 3.54
C ARG B 3 -8.69 1.71 2.32
N VAL B 4 -8.03 2.58 1.55
CA VAL B 4 -7.31 2.16 0.36
C VAL B 4 -6.03 2.95 0.18
N CYS B 5 -4.89 2.30 0.42
CA CYS B 5 -3.60 2.95 0.29
C CYS B 5 -2.59 2.01 -0.37
N ILE B 6 -1.54 2.58 -0.93
CA ILE B 6 -0.50 1.79 -1.58
C ILE B 6 0.89 2.35 -1.27
N ARG B 7 1.86 1.45 -1.11
CA ARG B 7 3.23 1.85 -0.81
C ARG B 7 4.18 1.42 -1.93
N VAL B 8 5.00 2.36 -2.39
CA VAL B 8 5.95 2.09 -3.45
C VAL B 8 7.29 2.76 -3.18
N CYS B 9 8.36 2.15 -3.68
CA CYS B 9 9.70 2.68 -3.48
C CYS B 9 10.52 2.59 -4.77
N ARG B 10 11.11 3.71 -5.17
CA ARG B 10 11.91 3.76 -6.38
C ARG B 10 13.18 4.57 -6.17
N ASN B 11 14.28 4.11 -6.75
CA ASN B 11 15.56 4.79 -6.62
C ASN B 11 15.79 5.24 -5.18
N GLY B 12 15.35 4.42 -4.23
CA GLY B 12 15.51 4.74 -2.83
C GLY B 12 14.36 5.55 -2.28
N VAL B 13 13.87 6.50 -3.08
CA VAL B 13 12.77 7.35 -2.66
C VAL B 13 11.48 6.54 -2.46
N CYS B 14 10.82 6.75 -1.33
CA CYS B 14 9.59 6.04 -1.02
C CYS B 14 8.44 7.02 -0.78
N TYR B 15 7.22 6.54 -1.01
CA TYR B 15 6.04 7.37 -0.81
C TYR B 15 4.76 6.54 -0.87
N ARG B 16 3.73 6.99 -0.16
CA ARG B 16 2.46 6.28 -0.13
C ARG B 16 1.33 7.16 -0.66
N ARG B 17 0.37 6.54 -1.33
CA ARG B 17 -0.76 7.26 -1.91
C ARG B 17 -2.08 6.58 -1.56
N CYS B 18 -3.10 7.38 -1.26
CA CYS B 18 -4.41 6.84 -0.90
C CYS B 18 -5.50 7.50 -1.74
N TRP B 19 -6.64 6.82 -1.86
CA TRP B 19 -7.76 7.34 -2.63
C TRP B 19 -9.04 7.35 -1.80
N GLY B 20 -9.85 8.38 -1.96
CA GLY B 20 -11.10 8.48 -1.23
C GLY B 20 -11.33 9.87 -0.67
N SER A 1 16.92 -1.81 -5.63
CA SER A 1 16.02 -2.73 -4.94
C SER A 1 14.65 -2.09 -4.71
N PRO A 2 13.91 -1.87 -5.81
CA PRO A 2 12.58 -1.26 -5.76
C PRO A 2 11.55 -2.19 -5.14
N ARG A 3 10.49 -1.61 -4.59
CA ARG A 3 9.42 -2.38 -3.96
C ARG A 3 8.06 -1.76 -4.23
N VAL A 4 7.08 -2.60 -4.54
CA VAL A 4 5.73 -2.13 -4.82
C VAL A 4 4.68 -2.95 -4.06
N CYS A 5 4.12 -2.36 -3.02
CA CYS A 5 3.12 -3.03 -2.21
C CYS A 5 1.81 -2.25 -2.21
N ILE A 6 0.77 -2.84 -1.62
CA ILE A 6 -0.53 -2.20 -1.54
C ILE A 6 -1.18 -2.40 -0.17
N ARG A 7 -2.00 -1.44 0.24
CA ARG A 7 -2.68 -1.52 1.53
C ARG A 7 -4.18 -1.55 1.35
N VAL A 8 -4.84 -2.51 2.01
CA VAL A 8 -6.29 -2.65 1.92
C VAL A 8 -6.89 -3.00 3.28
N CYS A 9 -8.06 -2.44 3.57
CA CYS A 9 -8.74 -2.70 4.84
C CYS A 9 -10.25 -2.68 4.64
N ARG A 10 -10.91 -3.71 5.16
CA ARG A 10 -12.36 -3.81 5.05
C ARG A 10 -12.97 -4.44 6.30
N ASN A 11 -14.16 -4.00 6.68
CA ASN A 11 -14.84 -4.52 7.86
C ASN A 11 -13.88 -4.63 9.03
N GLY A 12 -12.94 -3.68 9.11
CA GLY A 12 -11.97 -3.70 10.20
C GLY A 12 -10.72 -4.48 9.84
N VAL A 13 -10.90 -5.59 9.14
CA VAL A 13 -9.77 -6.43 8.74
C VAL A 13 -8.78 -5.65 7.89
N CYS A 14 -7.51 -5.75 8.22
CA CYS A 14 -6.45 -5.05 7.49
C CYS A 14 -5.38 -6.03 7.00
N TYR A 15 -5.06 -5.95 5.73
CA TYR A 15 -4.06 -6.83 5.14
C TYR A 15 -3.22 -6.09 4.09
N ARG A 16 -1.97 -6.51 3.93
CA ARG A 16 -1.08 -5.89 2.97
C ARG A 16 -0.57 -6.92 1.95
N ARG A 17 -0.67 -6.57 0.67
CA ARG A 17 -0.23 -7.46 -0.40
C ARG A 17 0.85 -6.80 -1.24
N CYS A 18 2.00 -7.47 -1.37
CA CYS A 18 3.11 -6.94 -2.14
C CYS A 18 3.46 -7.89 -3.30
N TRP A 19 3.87 -7.31 -4.42
CA TRP A 19 4.24 -8.10 -5.59
C TRP A 19 5.73 -8.34 -5.64
N GLY A 20 6.14 -9.48 -6.20
CA GLY A 20 7.55 -9.81 -6.29
C GLY A 20 7.78 -11.17 -6.92
N SER B 1 -16.18 1.98 7.35
CA SER B 1 -15.13 2.94 7.05
C SER B 1 -13.94 2.25 6.38
N PRO B 2 -14.16 1.78 5.14
CA PRO B 2 -13.11 1.10 4.37
C PRO B 2 -12.00 2.05 3.94
N ARG B 3 -10.81 1.49 3.69
CA ARG B 3 -9.67 2.29 3.27
C ARG B 3 -8.82 1.53 2.25
N VAL B 4 -8.40 2.21 1.20
CA VAL B 4 -7.58 1.61 0.16
C VAL B 4 -6.37 2.48 -0.18
N CYS B 5 -5.20 2.05 0.27
CA CYS B 5 -3.97 2.80 0.02
C CYS B 5 -2.96 1.94 -0.74
N ILE B 6 -1.86 2.56 -1.15
CA ILE B 6 -0.82 1.85 -1.88
C ILE B 6 0.57 2.27 -1.41
N ARG B 7 1.52 1.35 -1.51
CA ARG B 7 2.89 1.63 -1.09
C ARG B 7 3.86 1.48 -2.27
N VAL B 8 4.71 2.49 -2.46
CA VAL B 8 5.68 2.48 -3.54
C VAL B 8 7.02 3.04 -3.08
N CYS B 9 8.11 2.45 -3.57
CA CYS B 9 9.44 2.90 -3.22
C CYS B 9 10.41 2.72 -4.39
N ARG B 10 11.16 3.77 -4.70
CA ARG B 10 12.11 3.73 -5.80
C ARG B 10 13.36 4.55 -5.47
N ASN B 11 14.50 4.09 -5.95
CA ASN B 11 15.76 4.79 -5.70
C ASN B 11 15.88 5.22 -4.25
N GLY B 12 15.33 4.40 -3.35
CA GLY B 12 15.39 4.71 -1.93
C GLY B 12 14.18 5.50 -1.47
N VAL B 13 13.73 6.43 -2.30
CA VAL B 13 12.57 7.26 -1.97
C VAL B 13 11.34 6.40 -1.73
N CYS B 14 10.64 6.68 -0.63
CA CYS B 14 9.44 5.94 -0.29
C CYS B 14 8.26 6.89 -0.07
N TYR B 15 7.14 6.59 -0.72
CA TYR B 15 5.94 7.41 -0.59
C TYR B 15 4.68 6.54 -0.59
N ARG B 16 3.64 7.03 0.08
CA ARG B 16 2.38 6.29 0.15
C ARG B 16 1.23 7.13 -0.39
N ARG B 17 0.44 6.55 -1.28
CA ARG B 17 -0.69 7.25 -1.89
C ARG B 17 -2.00 6.51 -1.60
N CYS B 18 -2.95 7.23 -1.02
CA CYS B 18 -4.25 6.64 -0.69
C CYS B 18 -5.37 7.37 -1.42
N TRP B 19 -6.40 6.63 -1.81
CA TRP B 19 -7.54 7.20 -2.51
C TRP B 19 -8.67 7.54 -1.55
N GLY B 20 -9.43 8.57 -1.87
CA GLY B 20 -10.54 8.99 -1.02
C GLY B 20 -11.24 10.22 -1.55
N SER A 1 16.80 -1.76 -6.23
CA SER A 1 15.91 -2.71 -5.56
C SER A 1 14.56 -2.07 -5.24
N PRO A 2 13.76 -1.81 -6.28
CA PRO A 2 12.44 -1.20 -6.14
C PRO A 2 11.43 -2.13 -5.48
N ARG A 3 10.40 -1.55 -4.86
CA ARG A 3 9.38 -2.34 -4.20
C ARG A 3 7.99 -1.73 -4.43
N VAL A 4 6.99 -2.59 -4.54
CA VAL A 4 5.62 -2.14 -4.77
C VAL A 4 4.64 -2.92 -3.90
N CYS A 5 4.13 -2.26 -2.85
CA CYS A 5 3.19 -2.90 -1.94
C CYS A 5 1.88 -2.11 -1.90
N ILE A 6 0.84 -2.74 -1.34
CA ILE A 6 -0.46 -2.11 -1.24
C ILE A 6 -1.18 -2.53 0.03
N ARG A 7 -2.03 -1.64 0.56
CA ARG A 7 -2.78 -1.92 1.78
C ARG A 7 -4.28 -1.81 1.52
N VAL A 8 -5.03 -2.72 2.14
CA VAL A 8 -6.49 -2.72 1.98
C VAL A 8 -7.18 -3.14 3.28
N CYS A 9 -8.33 -2.53 3.55
CA CYS A 9 -9.09 -2.84 4.75
C CYS A 9 -10.59 -2.77 4.48
N ARG A 10 -11.31 -3.81 4.88
CA ARG A 10 -12.75 -3.87 4.69
C ARG A 10 -13.44 -4.52 5.88
N ASN A 11 -14.64 -4.05 6.20
CA ASN A 11 -15.40 -4.60 7.32
C ASN A 11 -14.50 -4.80 8.54
N GLY A 12 -13.55 -3.90 8.72
CA GLY A 12 -12.64 -3.99 9.85
C GLY A 12 -11.40 -4.80 9.53
N VAL A 13 -11.57 -5.87 8.76
CA VAL A 13 -10.46 -6.73 8.40
C VAL A 13 -9.40 -5.96 7.61
N CYS A 14 -8.14 -6.16 7.97
CA CYS A 14 -7.03 -5.49 7.31
C CYS A 14 -5.98 -6.49 6.84
N TYR A 15 -5.42 -6.24 5.66
CA TYR A 15 -4.40 -7.11 5.10
C TYR A 15 -3.52 -6.36 4.10
N ARG A 16 -2.24 -6.69 4.10
CA ARG A 16 -1.29 -6.04 3.19
C ARG A 16 -0.73 -7.05 2.20
N ARG A 17 -0.66 -6.64 0.93
CA ARG A 17 -0.15 -7.51 -0.13
C ARG A 17 0.92 -6.79 -0.95
N CYS A 18 2.09 -7.40 -1.06
CA CYS A 18 3.19 -6.82 -1.83
C CYS A 18 3.63 -7.75 -2.94
N TRP A 19 4.19 -7.17 -4.00
CA TRP A 19 4.66 -7.95 -5.14
C TRP A 19 6.14 -8.26 -5.02
N GLY A 20 6.61 -9.24 -5.78
CA GLY A 20 8.01 -9.61 -5.74
C GLY A 20 8.48 -9.97 -4.34
N SER B 1 -16.25 1.77 7.42
CA SER B 1 -15.28 2.78 7.03
C SER B 1 -14.04 2.14 6.41
N PRO B 2 -14.20 1.59 5.19
CA PRO B 2 -13.11 0.93 4.47
C PRO B 2 -12.05 1.93 3.98
N ARG B 3 -10.84 1.43 3.76
CA ARG B 3 -9.74 2.28 3.30
C ARG B 3 -8.88 1.54 2.28
N VAL B 4 -8.37 2.29 1.30
CA VAL B 4 -7.54 1.70 0.26
C VAL B 4 -6.31 2.57 -0.01
N CYS B 5 -5.15 2.13 0.45
CA CYS B 5 -3.91 2.86 0.25
C CYS B 5 -2.88 2.00 -0.46
N ILE B 6 -1.82 2.64 -0.95
CA ILE B 6 -0.76 1.94 -1.67
C ILE B 6 0.60 2.57 -1.38
N ARG B 7 1.64 1.73 -1.39
CA ARG B 7 3.00 2.20 -1.13
C ARG B 7 3.92 1.86 -2.30
N VAL B 8 4.83 2.79 -2.60
CA VAL B 8 5.78 2.59 -3.70
C VAL B 8 7.15 3.16 -3.34
N CYS B 9 8.20 2.51 -3.85
CA CYS B 9 9.57 2.95 -3.60
C CYS B 9 10.44 2.74 -4.82
N ARG B 10 11.17 3.78 -5.20
CA ARG B 10 12.06 3.71 -6.36
C ARG B 10 13.36 4.46 -6.10
N ASN B 11 14.46 3.95 -6.66
CA ASN B 11 15.76 4.58 -6.49
C ASN B 11 15.97 5.00 -5.03
N GLY B 12 15.46 4.21 -4.11
CA GLY B 12 15.60 4.52 -2.69
C GLY B 12 14.46 5.35 -2.16
N VAL B 13 14.01 6.30 -2.97
CA VAL B 13 12.91 7.18 -2.58
C VAL B 13 11.65 6.38 -2.26
N CYS B 14 11.00 6.73 -1.16
CA CYS B 14 9.78 6.05 -0.75
C CYS B 14 8.65 7.04 -0.48
N TYR B 15 7.44 6.67 -0.88
CA TYR B 15 6.28 7.54 -0.69
C TYR B 15 4.99 6.72 -0.64
N ARG B 16 4.06 7.15 0.21
CA ARG B 16 2.78 6.45 0.34
C ARG B 16 1.63 7.32 -0.16
N ARG B 17 0.75 6.72 -0.95
CA ARG B 17 -0.39 7.43 -1.50
C ARG B 17 -1.68 6.66 -1.25
N CYS B 18 -2.67 7.35 -0.70
CA CYS B 18 -3.96 6.73 -0.41
C CYS B 18 -5.09 7.43 -1.16
N TRP B 19 -6.16 6.69 -1.45
CA TRP B 19 -7.30 7.25 -2.17
C TRP B 19 -8.39 7.69 -1.20
N GLY B 20 -9.30 8.52 -1.68
CA GLY B 20 -10.38 9.01 -0.84
C GLY B 20 -9.88 9.70 0.42
N SER A 1 15.89 -0.34 -2.09
CA SER A 1 15.58 -1.27 -3.17
C SER A 1 14.15 -1.08 -3.66
N PRO A 2 13.87 -1.57 -4.88
CA PRO A 2 12.54 -1.46 -5.49
C PRO A 2 11.51 -2.35 -4.80
N ARG A 3 10.48 -1.72 -4.25
CA ARG A 3 9.42 -2.46 -3.56
C ARG A 3 8.05 -1.96 -3.99
N VAL A 4 7.08 -2.88 -4.04
CA VAL A 4 5.72 -2.54 -4.43
C VAL A 4 4.69 -3.30 -3.59
N CYS A 5 4.06 -2.58 -2.68
CA CYS A 5 3.06 -3.19 -1.80
C CYS A 5 1.79 -2.32 -1.74
N ILE A 6 0.70 -2.92 -1.30
CA ILE A 6 -0.57 -2.21 -1.20
C ILE A 6 -1.24 -2.47 0.14
N ARG A 7 -1.92 -1.47 0.67
CA ARG A 7 -2.62 -1.58 1.94
C ARG A 7 -4.12 -1.34 1.78
N VAL A 8 -4.92 -2.32 2.20
CA VAL A 8 -6.37 -2.21 2.10
C VAL A 8 -7.05 -2.65 3.39
N CYS A 9 -8.20 -2.07 3.68
CA CYS A 9 -8.95 -2.40 4.88
C CYS A 9 -10.45 -2.51 4.59
N ARG A 10 -11.04 -3.62 4.99
CA ARG A 10 -12.47 -3.85 4.77
C ARG A 10 -13.12 -4.47 6.01
N ASN A 11 -14.34 -4.04 6.30
CA ASN A 11 -15.08 -4.55 7.45
C ASN A 11 -14.17 -4.65 8.67
N GLY A 12 -13.25 -3.69 8.80
CA GLY A 12 -12.34 -3.68 9.93
C GLY A 12 -11.08 -4.46 9.65
N VAL A 13 -11.22 -5.60 8.98
CA VAL A 13 -10.08 -6.45 8.65
C VAL A 13 -9.13 -5.74 7.69
N CYS A 14 -7.84 -5.78 8.02
CA CYS A 14 -6.83 -5.13 7.18
C CYS A 14 -5.76 -6.13 6.77
N TYR A 15 -5.10 -5.86 5.64
CA TYR A 15 -4.06 -6.74 5.13
C TYR A 15 -3.30 -6.06 3.99
N ARG A 16 -2.05 -6.48 3.81
CA ARG A 16 -1.20 -5.92 2.76
C ARG A 16 -0.84 -6.98 1.73
N ARG A 17 -0.68 -6.55 0.48
CA ARG A 17 -0.34 -7.46 -0.60
C ARG A 17 0.71 -6.85 -1.53
N CYS A 18 1.81 -7.56 -1.73
CA CYS A 18 2.88 -7.09 -2.60
C CYS A 18 3.00 -7.95 -3.85
N TRP A 19 3.69 -7.43 -4.86
CA TRP A 19 3.88 -8.15 -6.11
C TRP A 19 5.35 -8.22 -6.48
N GLY A 20 5.83 -9.43 -6.74
CA GLY A 20 7.22 -9.61 -7.11
C GLY A 20 7.58 -11.06 -7.33
N SER B 1 -13.00 1.26 9.22
CA SER B 1 -13.61 1.87 8.05
C SER B 1 -12.87 1.44 6.78
N PRO B 2 -13.55 1.58 5.63
CA PRO B 2 -12.98 1.22 4.33
C PRO B 2 -11.86 2.17 3.90
N ARG B 3 -10.67 1.61 3.71
CA ARG B 3 -9.52 2.41 3.30
C ARG B 3 -8.74 1.70 2.20
N VAL B 4 -8.18 2.48 1.28
CA VAL B 4 -7.41 1.94 0.16
C VAL B 4 -6.18 2.79 -0.12
N CYS B 5 -5.02 2.28 0.26
CA CYS B 5 -3.76 2.98 0.05
C CYS B 5 -2.71 2.06 -0.57
N ILE B 6 -1.68 2.66 -1.15
CA ILE B 6 -0.61 1.90 -1.78
C ILE B 6 0.76 2.40 -1.33
N ARG B 7 1.72 1.47 -1.22
CA ARG B 7 3.07 1.82 -0.80
C ARG B 7 4.09 1.43 -1.87
N VAL B 8 4.87 2.41 -2.32
CA VAL B 8 5.88 2.17 -3.34
C VAL B 8 7.21 2.81 -2.97
N CYS B 9 8.31 2.20 -3.39
CA CYS B 9 9.64 2.71 -3.10
C CYS B 9 10.56 2.56 -4.30
N ARG B 10 11.21 3.65 -4.69
CA ARG B 10 12.12 3.63 -5.82
C ARG B 10 13.37 4.45 -5.53
N ASN B 11 14.52 3.96 -5.99
CA ASN B 11 15.79 4.64 -5.78
C ASN B 11 15.91 5.13 -4.34
N GLY B 12 15.35 4.35 -3.41
CA GLY B 12 15.40 4.72 -2.00
C GLY B 12 14.21 5.56 -1.58
N VAL B 13 13.78 6.46 -2.45
CA VAL B 13 12.64 7.33 -2.16
C VAL B 13 11.37 6.51 -1.99
N CYS B 14 10.63 6.80 -0.91
CA CYS B 14 9.39 6.10 -0.62
C CYS B 14 8.23 7.08 -0.47
N TYR B 15 7.02 6.60 -0.73
CA TYR B 15 5.83 7.44 -0.63
C TYR B 15 4.57 6.60 -0.72
N ARG B 16 3.49 7.08 -0.12
CA ARG B 16 2.21 6.37 -0.13
C ARG B 16 1.15 7.18 -0.87
N ARG B 17 0.23 6.48 -1.52
CA ARG B 17 -0.84 7.13 -2.28
C ARG B 17 -2.17 6.42 -2.05
N CYS B 18 -3.19 7.18 -1.64
CA CYS B 18 -4.51 6.62 -1.40
C CYS B 18 -5.52 7.17 -2.39
N TRP B 19 -6.66 6.49 -2.50
CA TRP B 19 -7.71 6.90 -3.42
C TRP B 19 -9.05 7.02 -2.70
N GLY B 20 -9.69 8.18 -2.84
CA GLY B 20 -10.97 8.39 -2.20
C GLY B 20 -11.52 9.79 -2.45
N SER A 1 16.54 -1.23 -6.52
CA SER A 1 15.84 -2.10 -5.57
C SER A 1 14.46 -1.54 -5.26
N PRO A 2 13.55 -1.58 -6.25
CA PRO A 2 12.18 -1.08 -6.11
C PRO A 2 11.35 -1.96 -5.18
N ARG A 3 10.17 -1.46 -4.82
CA ARG A 3 9.27 -2.20 -3.93
C ARG A 3 7.82 -1.85 -4.22
N VAL A 4 6.94 -2.84 -4.15
CA VAL A 4 5.52 -2.64 -4.40
C VAL A 4 4.68 -3.26 -3.29
N CYS A 5 4.10 -2.40 -2.44
CA CYS A 5 3.27 -2.87 -1.33
C CYS A 5 1.91 -2.17 -1.35
N ILE A 6 0.85 -2.96 -1.23
CA ILE A 6 -0.50 -2.42 -1.23
C ILE A 6 -1.29 -2.91 -0.03
N ARG A 7 -2.06 -2.00 0.58
CA ARG A 7 -2.86 -2.35 1.75
C ARG A 7 -4.33 -1.98 1.53
N VAL A 8 -5.23 -2.82 2.02
CA VAL A 8 -6.66 -2.58 1.88
C VAL A 8 -7.41 -2.99 3.14
N CYS A 9 -8.52 -2.32 3.40
CA CYS A 9 -9.34 -2.61 4.58
C CYS A 9 -10.82 -2.60 4.22
N ARG A 10 -11.52 -3.67 4.60
CA ARG A 10 -12.95 -3.78 4.33
C ARG A 10 -13.70 -4.31 5.55
N ASN A 11 -14.86 -3.73 5.82
CA ASN A 11 -15.68 -4.14 6.96
C ASN A 11 -14.81 -4.35 8.20
N GLY A 12 -13.82 -3.49 8.38
CA GLY A 12 -12.93 -3.60 9.52
C GLY A 12 -11.72 -4.47 9.24
N VAL A 13 -11.94 -5.57 8.52
CA VAL A 13 -10.86 -6.48 8.17
C VAL A 13 -9.75 -5.77 7.39
N CYS A 14 -8.51 -5.96 7.81
CA CYS A 14 -7.37 -5.35 7.15
C CYS A 14 -6.34 -6.40 6.75
N TYR A 15 -5.65 -6.15 5.64
CA TYR A 15 -4.63 -7.07 5.15
C TYR A 15 -3.69 -6.37 4.17
N ARG A 16 -2.39 -6.62 4.33
CA ARG A 16 -1.39 -6.02 3.46
C ARG A 16 -0.72 -7.08 2.59
N ARG A 17 -0.84 -6.93 1.27
CA ARG A 17 -0.25 -7.87 0.34
C ARG A 17 0.73 -7.17 -0.60
N CYS A 18 1.93 -7.71 -0.71
CA CYS A 18 2.95 -7.14 -1.58
C CYS A 18 3.46 -8.16 -2.60
N TRP A 19 4.14 -7.68 -3.62
CA TRP A 19 4.66 -8.55 -4.67
C TRP A 19 6.20 -8.49 -4.71
N GLY A 20 6.82 -9.59 -5.10
CA GLY A 20 8.26 -9.64 -5.19
C GLY A 20 8.78 -9.19 -6.54
N SER B 1 -15.98 1.66 7.50
CA SER B 1 -14.92 2.65 7.31
C SER B 1 -13.68 2.00 6.72
N PRO B 2 -13.78 1.57 5.45
CA PRO B 2 -12.67 0.94 4.74
C PRO B 2 -11.54 1.92 4.42
N ARG B 3 -10.41 1.38 3.98
CA ARG B 3 -9.26 2.21 3.64
C ARG B 3 -8.42 1.56 2.53
N VAL B 4 -7.94 2.39 1.61
CA VAL B 4 -7.14 1.89 0.50
C VAL B 4 -5.90 2.76 0.30
N CYS B 5 -4.75 2.23 0.69
CA CYS B 5 -3.49 2.96 0.54
C CYS B 5 -2.44 2.10 -0.15
N ILE B 6 -1.66 2.73 -1.03
CA ILE B 6 -0.63 2.02 -1.77
C ILE B 6 0.74 2.65 -1.52
N ARG B 7 1.76 1.80 -1.38
CA ARG B 7 3.12 2.27 -1.13
C ARG B 7 4.05 1.82 -2.24
N VAL B 8 4.94 2.72 -2.67
CA VAL B 8 5.89 2.41 -3.73
C VAL B 8 7.27 3.00 -3.42
N CYS B 9 8.32 2.33 -3.90
CA CYS B 9 9.68 2.79 -3.69
C CYS B 9 10.51 2.65 -4.96
N ARG B 10 11.16 3.74 -5.35
CA ARG B 10 12.00 3.75 -6.55
C ARG B 10 13.30 4.50 -6.30
N ASN B 11 14.39 3.97 -6.86
CA ASN B 11 15.70 4.60 -6.70
C ASN B 11 15.93 5.02 -5.25
N GLY B 12 15.42 4.22 -4.32
CA GLY B 12 15.59 4.53 -2.91
C GLY B 12 14.43 5.36 -2.37
N VAL B 13 13.97 6.31 -3.17
CA VAL B 13 12.87 7.19 -2.76
C VAL B 13 11.61 6.37 -2.44
N CYS B 14 11.00 6.67 -1.31
CA CYS B 14 9.79 5.98 -0.88
C CYS B 14 8.68 6.96 -0.54
N TYR B 15 7.43 6.57 -0.80
CA TYR B 15 6.29 7.41 -0.52
C TYR B 15 4.99 6.60 -0.50
N ARG B 16 4.11 6.92 0.45
CA ARG B 16 2.85 6.22 0.57
C ARG B 16 1.67 7.18 0.37
N ARG B 17 0.82 6.87 -0.60
CA ARG B 17 -0.34 7.71 -0.89
C ARG B 17 -1.62 6.88 -0.87
N CYS B 18 -2.69 7.48 -0.35
CA CYS B 18 -3.98 6.80 -0.27
C CYS B 18 -4.98 7.42 -1.23
N TRP B 19 -6.09 6.72 -1.46
CA TRP B 19 -7.12 7.19 -2.37
C TRP B 19 -8.44 7.43 -1.61
N GLY B 20 -9.21 8.39 -2.08
CA GLY B 20 -10.48 8.70 -1.43
C GLY B 20 -11.62 7.89 -2.00
N SER A 1 16.67 -3.59 -4.77
CA SER A 1 15.51 -3.65 -5.64
C SER A 1 14.37 -2.77 -5.09
N PRO A 2 13.43 -2.41 -5.98
CA PRO A 2 12.28 -1.58 -5.61
C PRO A 2 11.30 -2.31 -4.70
N ARG A 3 10.38 -1.55 -4.10
CA ARG A 3 9.38 -2.13 -3.20
C ARG A 3 7.98 -1.74 -3.64
N VAL A 4 7.11 -2.73 -3.83
CA VAL A 4 5.74 -2.48 -4.23
C VAL A 4 4.76 -3.27 -3.37
N CYS A 5 4.05 -2.56 -2.49
CA CYS A 5 3.08 -3.19 -1.60
C CYS A 5 1.81 -2.36 -1.52
N ILE A 6 0.71 -3.01 -1.13
CA ILE A 6 -0.57 -2.33 -1.01
C ILE A 6 -1.19 -2.56 0.37
N ARG A 7 -1.93 -1.56 0.86
CA ARG A 7 -2.57 -1.67 2.16
C ARG A 7 -4.07 -1.43 2.05
N VAL A 8 -4.85 -2.45 2.38
CA VAL A 8 -6.31 -2.35 2.32
C VAL A 8 -6.95 -2.87 3.60
N CYS A 9 -8.11 -2.32 3.94
CA CYS A 9 -8.84 -2.73 5.14
C CYS A 9 -10.34 -2.66 4.92
N ARG A 10 -11.05 -3.69 5.39
CA ARG A 10 -12.50 -3.74 5.24
C ARG A 10 -13.14 -4.42 6.45
N ASN A 11 -14.28 -3.88 6.89
CA ASN A 11 -14.99 -4.42 8.04
C ASN A 11 -14.01 -4.78 9.16
N GLY A 12 -13.01 -3.94 9.35
CA GLY A 12 -12.02 -4.19 10.39
C GLY A 12 -10.84 -5.00 9.90
N VAL A 13 -11.13 -5.99 9.07
CA VAL A 13 -10.07 -6.85 8.52
C VAL A 13 -9.05 -6.04 7.76
N CYS A 14 -7.77 -6.35 7.99
CA CYS A 14 -6.67 -5.64 7.32
C CYS A 14 -5.68 -6.63 6.73
N TYR A 15 -5.15 -6.30 5.55
CA TYR A 15 -4.19 -7.15 4.88
C TYR A 15 -3.45 -6.39 3.79
N ARG A 16 -2.24 -6.83 3.48
CA ARG A 16 -1.42 -6.18 2.46
C ARG A 16 -1.02 -7.18 1.36
N ARG A 17 -0.48 -6.67 0.27
CA ARG A 17 -0.07 -7.50 -0.84
C ARG A 17 1.09 -6.87 -1.61
N CYS A 18 2.18 -7.62 -1.76
CA CYS A 18 3.36 -7.13 -2.47
C CYS A 18 3.62 -7.95 -3.72
N TRP A 19 4.14 -7.30 -4.75
CA TRP A 19 4.44 -7.98 -6.02
C TRP A 19 5.94 -8.11 -6.21
N GLY A 20 6.38 -9.32 -6.57
CA GLY A 20 7.80 -9.55 -6.79
C GLY A 20 8.09 -10.97 -7.24
N SER B 1 -15.47 3.84 7.47
CA SER B 1 -15.27 3.66 6.04
C SER B 1 -14.03 2.80 5.76
N PRO B 2 -13.97 2.23 4.55
CA PRO B 2 -12.85 1.38 4.14
C PRO B 2 -11.56 2.17 3.94
N ARG B 3 -10.44 1.45 3.87
CA ARG B 3 -9.14 2.10 3.69
C ARG B 3 -8.41 1.52 2.48
N VAL B 4 -8.03 2.38 1.56
CA VAL B 4 -7.31 1.96 0.35
C VAL B 4 -6.10 2.84 0.09
N CYS B 5 -4.92 2.31 0.34
CA CYS B 5 -3.68 3.05 0.13
C CYS B 5 -2.62 2.15 -0.50
N ILE B 6 -1.63 2.78 -1.13
CA ILE B 6 -0.55 2.04 -1.77
C ILE B 6 0.82 2.48 -1.24
N ARG B 7 1.76 1.55 -1.20
CA ARG B 7 3.10 1.84 -0.72
C ARG B 7 4.15 1.45 -1.76
N VAL B 8 4.89 2.43 -2.26
CA VAL B 8 5.93 2.18 -3.25
C VAL B 8 7.22 2.91 -2.89
N CYS B 9 8.34 2.35 -3.31
CA CYS B 9 9.64 2.95 -3.03
C CYS B 9 10.61 2.71 -4.20
N ARG B 10 11.36 3.75 -4.55
CA ARG B 10 12.32 3.66 -5.65
C ARG B 10 13.56 4.49 -5.35
N ASN B 11 14.73 3.95 -5.69
CA ASN B 11 15.99 4.64 -5.46
C ASN B 11 16.00 5.31 -4.09
N GLY B 12 15.45 4.61 -3.10
CA GLY B 12 15.41 5.14 -1.75
C GLY B 12 14.14 5.95 -1.48
N VAL B 13 13.73 6.73 -2.46
CA VAL B 13 12.53 7.55 -2.33
C VAL B 13 11.31 6.69 -2.00
N CYS B 14 10.53 7.13 -1.01
CA CYS B 14 9.34 6.41 -0.59
C CYS B 14 8.13 7.33 -0.53
N TYR B 15 6.98 6.83 -0.93
CA TYR B 15 5.75 7.61 -0.92
C TYR B 15 4.52 6.71 -1.05
N ARG B 16 3.40 7.17 -0.52
CA ARG B 16 2.16 6.41 -0.57
C ARG B 16 1.05 7.22 -1.24
N ARG B 17 -0.06 6.55 -1.54
CA ARG B 17 -1.20 7.21 -2.18
C ARG B 17 -2.51 6.54 -1.79
N CYS B 18 -3.45 7.35 -1.32
CA CYS B 18 -4.76 6.83 -0.91
C CYS B 18 -5.87 7.42 -1.78
N TRP B 19 -6.90 6.61 -2.02
CA TRP B 19 -8.03 7.03 -2.84
C TRP B 19 -9.27 7.24 -1.99
N GLY B 20 -9.93 8.38 -2.17
CA GLY B 20 -11.13 8.68 -1.41
C GLY B 20 -11.76 9.99 -1.81
N SER A 1 17.01 -1.68 -4.13
CA SER A 1 16.01 -2.11 -5.11
C SER A 1 14.64 -1.54 -4.76
N PRO A 2 13.75 -1.51 -5.75
CA PRO A 2 12.39 -1.01 -5.58
C PRO A 2 11.52 -1.91 -4.71
N ARG A 3 10.34 -1.44 -4.36
CA ARG A 3 9.43 -2.21 -3.52
C ARG A 3 7.98 -1.83 -3.81
N VAL A 4 7.09 -2.83 -3.75
CA VAL A 4 5.67 -2.59 -4.00
C VAL A 4 4.81 -3.29 -2.95
N CYS A 5 4.23 -2.49 -2.05
CA CYS A 5 3.38 -3.02 -1.00
C CYS A 5 2.14 -2.15 -0.79
N ILE A 6 0.97 -2.78 -0.78
CA ILE A 6 -0.27 -2.05 -0.60
C ILE A 6 -1.07 -2.63 0.57
N ARG A 7 -1.76 -1.76 1.30
CA ARG A 7 -2.56 -2.17 2.44
C ARG A 7 -4.01 -1.72 2.28
N VAL A 8 -4.94 -2.63 2.55
CA VAL A 8 -6.37 -2.32 2.44
C VAL A 8 -7.15 -2.93 3.60
N CYS A 9 -8.24 -2.26 3.98
CA CYS A 9 -9.07 -2.74 5.07
C CYS A 9 -10.56 -2.50 4.77
N ARG A 10 -11.36 -3.55 4.90
CA ARG A 10 -12.79 -3.46 4.64
C ARG A 10 -13.58 -4.24 5.67
N ASN A 11 -14.74 -3.71 6.05
CA ASN A 11 -15.60 -4.37 7.04
C ASN A 11 -14.78 -4.87 8.22
N GLY A 12 -13.74 -4.13 8.57
CA GLY A 12 -12.89 -4.52 9.68
C GLY A 12 -11.73 -5.38 9.25
N VAL A 13 -11.99 -6.28 8.30
CA VAL A 13 -10.95 -7.17 7.80
C VAL A 13 -9.80 -6.39 7.17
N CYS A 14 -8.58 -6.75 7.53
CA CYS A 14 -7.39 -6.08 7.01
C CYS A 14 -6.44 -7.08 6.36
N TYR A 15 -5.85 -6.69 5.24
CA TYR A 15 -4.93 -7.54 4.52
C TYR A 15 -3.98 -6.73 3.66
N ARG A 16 -2.76 -7.23 3.47
CA ARG A 16 -1.76 -6.54 2.68
C ARG A 16 -1.23 -7.45 1.57
N ARG A 17 -1.10 -6.90 0.37
CA ARG A 17 -0.60 -7.67 -0.77
C ARG A 17 0.56 -6.96 -1.44
N CYS A 18 1.69 -7.65 -1.58
CA CYS A 18 2.87 -7.08 -2.20
C CYS A 18 3.30 -7.91 -3.41
N TRP A 19 4.18 -7.35 -4.22
CA TRP A 19 4.68 -8.03 -5.41
C TRP A 19 6.03 -8.67 -5.15
N GLY A 20 6.36 -9.69 -5.92
CA GLY A 20 7.63 -10.38 -5.75
C GLY A 20 8.15 -10.96 -7.05
N SER B 1 -14.40 3.13 9.27
CA SER B 1 -14.56 3.04 7.82
C SER B 1 -13.33 2.39 7.19
N PRO B 2 -13.50 1.89 5.95
CA PRO B 2 -12.41 1.23 5.21
C PRO B 2 -11.34 2.23 4.76
N ARG B 3 -10.23 1.70 4.27
CA ARG B 3 -9.13 2.54 3.80
C ARG B 3 -8.33 1.83 2.71
N VAL B 4 -7.85 2.61 1.74
CA VAL B 4 -7.08 2.06 0.64
C VAL B 4 -5.86 2.92 0.33
N CYS B 5 -4.68 2.44 0.71
CA CYS B 5 -3.44 3.16 0.49
C CYS B 5 -2.33 2.22 0.06
N ILE B 6 -1.53 2.65 -0.91
CA ILE B 6 -0.42 1.84 -1.40
C ILE B 6 0.91 2.56 -1.21
N ARG B 7 1.96 1.79 -0.92
CA ARG B 7 3.29 2.36 -0.72
C ARG B 7 4.26 1.84 -1.77
N VAL B 8 5.06 2.74 -2.33
CA VAL B 8 6.04 2.36 -3.34
C VAL B 8 7.38 3.04 -3.09
N CYS B 9 8.45 2.39 -3.51
CA CYS B 9 9.80 2.92 -3.32
C CYS B 9 10.64 2.72 -4.58
N ARG B 10 11.25 3.80 -5.05
CA ARG B 10 12.08 3.74 -6.25
C ARG B 10 13.37 4.55 -6.05
N ASN B 11 14.49 3.98 -6.49
CA ASN B 11 15.78 4.64 -6.37
C ASN B 11 15.93 5.27 -4.98
N GLY B 12 15.42 4.59 -3.96
CA GLY B 12 15.52 5.10 -2.61
C GLY B 12 14.31 5.94 -2.23
N VAL B 13 13.84 6.75 -3.17
CA VAL B 13 12.68 7.61 -2.92
C VAL B 13 11.46 6.79 -2.55
N CYS B 14 10.78 7.20 -1.48
CA CYS B 14 9.59 6.50 -1.01
C CYS B 14 8.43 7.48 -0.82
N TYR B 15 7.23 7.02 -1.16
CA TYR B 15 6.04 7.85 -1.03
C TYR B 15 4.78 6.99 -0.92
N ARG B 16 3.77 7.51 -0.23
CA ARG B 16 2.52 6.79 -0.06
C ARG B 16 1.33 7.62 -0.55
N ARG B 17 0.44 6.99 -1.30
CA ARG B 17 -0.72 7.67 -1.84
C ARG B 17 -1.98 6.83 -1.63
N CYS B 18 -3.06 7.49 -1.21
CA CYS B 18 -4.33 6.80 -0.98
C CYS B 18 -5.36 7.20 -2.04
N TRP B 19 -6.41 6.38 -2.16
CA TRP B 19 -7.47 6.64 -3.13
C TRP B 19 -8.71 7.23 -2.44
N GLY B 20 -9.51 7.96 -3.20
CA GLY B 20 -10.70 8.56 -2.64
C GLY B 20 -11.81 8.71 -3.67
N SER A 1 15.44 -2.47 -8.81
CA SER A 1 14.64 -3.39 -7.99
C SER A 1 13.70 -2.60 -7.09
N PRO A 2 12.66 -2.00 -7.68
CA PRO A 2 11.66 -1.22 -6.95
C PRO A 2 10.78 -2.09 -6.06
N ARG A 3 10.12 -1.46 -5.09
CA ARG A 3 9.23 -2.18 -4.19
C ARG A 3 7.83 -1.61 -4.23
N VAL A 4 6.86 -2.45 -4.60
CA VAL A 4 5.47 -2.02 -4.69
C VAL A 4 4.58 -2.89 -3.80
N CYS A 5 3.97 -2.27 -2.79
CA CYS A 5 3.09 -2.98 -1.87
C CYS A 5 1.81 -2.18 -1.61
N ILE A 6 0.75 -2.89 -1.23
CA ILE A 6 -0.53 -2.25 -0.95
C ILE A 6 -1.08 -2.68 0.39
N ARG A 7 -2.02 -1.92 0.93
CA ARG A 7 -2.63 -2.23 2.22
C ARG A 7 -4.11 -1.84 2.23
N VAL A 8 -4.97 -2.81 2.49
CA VAL A 8 -6.41 -2.56 2.52
C VAL A 8 -7.00 -2.97 3.87
N CYS A 9 -8.07 -2.31 4.28
CA CYS A 9 -8.74 -2.61 5.54
C CYS A 9 -10.23 -2.37 5.44
N ARG A 10 -11.02 -3.32 5.93
CA ARG A 10 -12.48 -3.20 5.90
C ARG A 10 -13.10 -3.92 7.10
N ASN A 11 -14.17 -3.33 7.62
CA ASN A 11 -14.87 -3.90 8.78
C ASN A 11 -13.87 -4.40 9.82
N GLY A 12 -12.81 -3.62 10.02
CA GLY A 12 -11.80 -4.00 11.00
C GLY A 12 -10.70 -4.85 10.40
N VAL A 13 -11.08 -5.78 9.53
CA VAL A 13 -10.12 -6.67 8.87
C VAL A 13 -9.02 -5.86 8.18
N CYS A 14 -7.79 -6.36 8.27
CA CYS A 14 -6.65 -5.69 7.64
C CYS A 14 -5.68 -6.71 7.08
N TYR A 15 -5.19 -6.45 5.86
CA TYR A 15 -4.25 -7.34 5.21
C TYR A 15 -3.33 -6.57 4.26
N ARG A 16 -2.06 -6.98 4.20
CA ARG A 16 -1.09 -6.33 3.33
C ARG A 16 -0.54 -7.30 2.31
N ARG A 17 -0.48 -6.88 1.06
CA ARG A 17 0.03 -7.71 -0.02
C ARG A 17 0.99 -6.93 -0.91
N CYS A 18 2.12 -7.56 -1.24
CA CYS A 18 3.12 -6.92 -2.08
C CYS A 18 3.32 -7.69 -3.38
N TRP A 19 3.56 -6.97 -4.46
CA TRP A 19 3.76 -7.60 -5.77
C TRP A 19 5.24 -7.65 -6.12
N GLY A 20 5.61 -8.61 -6.96
CA GLY A 20 7.00 -8.76 -7.36
C GLY A 20 7.77 -9.66 -6.43
N SER B 1 -17.27 2.10 4.36
CA SER B 1 -16.21 3.06 4.13
C SER B 1 -14.84 2.41 4.26
N PRO B 2 -14.48 1.59 3.28
CA PRO B 2 -13.19 0.89 3.26
C PRO B 2 -12.01 1.84 3.03
N ARG B 3 -10.82 1.37 3.36
CA ARG B 3 -9.62 2.18 3.19
C ARG B 3 -8.61 1.48 2.28
N VAL B 4 -8.28 2.11 1.16
CA VAL B 4 -7.34 1.55 0.20
C VAL B 4 -6.15 2.48 0.00
N CYS B 5 -4.97 2.02 0.41
CA CYS B 5 -3.75 2.81 0.27
C CYS B 5 -2.59 1.94 -0.23
N ILE B 6 -1.61 2.59 -0.85
CA ILE B 6 -0.45 1.88 -1.38
C ILE B 6 0.85 2.54 -0.96
N ARG B 7 1.95 1.82 -1.07
CA ARG B 7 3.26 2.34 -0.69
C ARG B 7 4.33 1.89 -1.68
N VAL B 8 5.02 2.85 -2.29
CA VAL B 8 6.07 2.56 -3.24
C VAL B 8 7.40 3.16 -2.81
N CYS B 9 8.50 2.53 -3.22
CA CYS B 9 9.82 3.01 -2.87
C CYS B 9 10.81 2.72 -4.00
N ARG B 10 11.67 3.69 -4.29
CA ARG B 10 12.66 3.56 -5.35
C ARG B 10 13.93 4.33 -5.01
N ASN B 11 15.08 3.75 -5.35
CA ASN B 11 16.37 4.40 -5.09
C ASN B 11 16.38 5.00 -3.69
N GLY B 12 15.81 4.29 -2.73
CA GLY B 12 15.78 4.78 -1.36
C GLY B 12 14.54 5.60 -1.07
N VAL B 13 14.14 6.44 -2.03
CA VAL B 13 12.97 7.28 -1.87
C VAL B 13 11.73 6.45 -1.54
N CYS B 14 10.88 6.99 -0.67
CA CYS B 14 9.66 6.30 -0.26
C CYS B 14 8.49 7.27 -0.16
N TYR B 15 7.34 6.86 -0.65
CA TYR B 15 6.14 7.69 -0.61
C TYR B 15 4.88 6.84 -0.57
N ARG B 16 3.89 7.31 0.18
CA ARG B 16 2.62 6.59 0.32
C ARG B 16 1.46 7.42 -0.23
N ARG B 17 0.60 6.77 -1.02
CA ARG B 17 -0.55 7.44 -1.61
C ARG B 17 -1.82 6.63 -1.40
N CYS B 18 -2.88 7.31 -0.98
CA CYS B 18 -4.17 6.65 -0.74
C CYS B 18 -5.24 7.19 -1.69
N TRP B 19 -6.13 6.30 -2.14
CA TRP B 19 -7.20 6.68 -3.04
C TRP B 19 -8.52 6.83 -2.29
N GLY B 20 -9.41 7.65 -2.84
CA GLY B 20 -10.70 7.87 -2.21
C GLY B 20 -10.68 9.02 -1.22
N SER A 1 16.41 0.06 -3.50
CA SER A 1 15.49 -0.87 -2.84
C SER A 1 14.10 -0.77 -3.45
N PRO A 2 13.94 -1.34 -4.65
CA PRO A 2 12.66 -1.32 -5.37
C PRO A 2 11.62 -2.22 -4.70
N ARG A 3 10.54 -1.62 -4.23
CA ARG A 3 9.48 -2.37 -3.56
C ARG A 3 8.11 -1.74 -3.86
N VAL A 4 7.13 -2.59 -4.16
CA VAL A 4 5.78 -2.13 -4.46
C VAL A 4 4.74 -2.99 -3.76
N CYS A 5 4.13 -2.44 -2.71
CA CYS A 5 3.12 -3.16 -1.96
C CYS A 5 1.78 -2.42 -2.01
N ILE A 6 0.74 -3.05 -1.48
CA ILE A 6 -0.59 -2.45 -1.46
C ILE A 6 -1.26 -2.66 -0.10
N ARG A 7 -2.03 -1.67 0.33
CA ARG A 7 -2.73 -1.74 1.60
C ARG A 7 -4.23 -1.56 1.41
N VAL A 8 -5.01 -2.45 2.03
CA VAL A 8 -6.46 -2.39 1.93
C VAL A 8 -7.12 -2.78 3.26
N CYS A 9 -8.27 -2.18 3.52
CA CYS A 9 -9.01 -2.45 4.75
C CYS A 9 -10.52 -2.37 4.52
N ARG A 10 -11.24 -3.39 4.99
CA ARG A 10 -12.69 -3.42 4.83
C ARG A 10 -13.35 -4.07 6.05
N ASN A 11 -14.52 -3.56 6.41
CA ASN A 11 -15.26 -4.09 7.55
C ASN A 11 -14.33 -4.31 8.75
N GLY A 12 -13.34 -3.42 8.89
CA GLY A 12 -12.40 -3.54 9.99
C GLY A 12 -11.18 -4.35 9.62
N VAL A 13 -11.40 -5.42 8.86
CA VAL A 13 -10.30 -6.30 8.44
C VAL A 13 -9.24 -5.52 7.67
N CYS A 14 -7.98 -5.85 7.91
CA CYS A 14 -6.87 -5.19 7.24
C CYS A 14 -5.82 -6.19 6.80
N TYR A 15 -5.17 -5.91 5.67
CA TYR A 15 -4.14 -6.79 5.14
C TYR A 15 -3.35 -6.10 4.03
N ARG A 16 -2.12 -6.54 3.82
CA ARG A 16 -1.25 -5.97 2.80
C ARG A 16 -0.61 -7.07 1.95
N ARG A 17 -0.50 -6.81 0.65
CA ARG A 17 0.10 -7.77 -0.27
C ARG A 17 1.12 -7.10 -1.18
N CYS A 18 2.33 -7.64 -1.21
CA CYS A 18 3.39 -7.09 -2.04
C CYS A 18 3.66 -7.99 -3.25
N TRP A 19 4.04 -7.37 -4.36
CA TRP A 19 4.33 -8.11 -5.58
C TRP A 19 5.82 -8.36 -5.73
N GLY A 20 6.18 -9.60 -6.04
CA GLY A 20 7.58 -9.95 -6.21
C GLY A 20 7.79 -11.03 -7.26
N SER B 1 -14.90 1.02 7.86
CA SER B 1 -13.78 1.90 7.58
C SER B 1 -13.12 1.52 6.26
N PRO B 2 -13.82 1.79 5.14
CA PRO B 2 -13.32 1.48 3.80
C PRO B 2 -12.16 2.37 3.40
N ARG B 3 -10.99 1.78 3.21
CA ARG B 3 -9.81 2.52 2.82
C ARG B 3 -8.93 1.70 1.88
N VAL B 4 -8.39 2.35 0.85
CA VAL B 4 -7.54 1.68 -0.13
C VAL B 4 -6.30 2.52 -0.43
N CYS B 5 -5.16 2.10 0.08
CA CYS B 5 -3.90 2.80 -0.14
C CYS B 5 -2.87 1.87 -0.78
N ILE B 6 -1.77 2.45 -1.24
CA ILE B 6 -0.70 1.69 -1.87
C ILE B 6 0.67 2.26 -1.50
N ARG B 7 1.67 1.38 -1.42
CA ARG B 7 3.02 1.79 -1.09
C ARG B 7 3.99 1.42 -2.20
N VAL B 8 4.87 2.35 -2.56
CA VAL B 8 5.85 2.12 -3.60
C VAL B 8 7.17 2.81 -3.28
N CYS B 9 8.27 2.23 -3.75
CA CYS B 9 9.60 2.78 -3.52
C CYS B 9 10.52 2.52 -4.71
N ARG B 10 11.31 3.52 -5.06
CA ARG B 10 12.24 3.40 -6.18
C ARG B 10 13.52 4.19 -5.92
N ASN B 11 14.65 3.63 -6.32
CA ASN B 11 15.94 4.28 -6.13
C ASN B 11 16.03 4.90 -4.74
N GLY B 12 15.53 4.18 -3.74
CA GLY B 12 15.57 4.67 -2.38
C GLY B 12 14.32 5.47 -2.02
N VAL B 13 13.85 6.28 -2.95
CA VAL B 13 12.67 7.10 -2.73
C VAL B 13 11.47 6.25 -2.33
N CYS B 14 10.67 6.77 -1.40
CA CYS B 14 9.49 6.05 -0.93
C CYS B 14 8.30 6.99 -0.79
N TYR B 15 7.12 6.49 -1.12
CA TYR B 15 5.90 7.29 -1.04
C TYR B 15 4.65 6.40 -1.17
N ARG B 16 3.56 6.82 -0.52
CA ARG B 16 2.32 6.08 -0.56
C ARG B 16 1.14 6.99 -0.88
N ARG B 17 0.15 6.44 -1.58
CA ARG B 17 -1.04 7.21 -1.95
C ARG B 17 -2.30 6.56 -1.39
N CYS B 18 -3.08 7.35 -0.65
CA CYS B 18 -4.31 6.86 -0.06
C CYS B 18 -5.53 7.39 -0.81
N TRP B 19 -6.58 6.58 -0.88
CA TRP B 19 -7.81 6.98 -1.57
C TRP B 19 -8.83 7.53 -0.58
N GLY B 20 -9.44 8.65 -0.94
CA GLY B 20 -10.43 9.26 -0.07
C GLY B 20 -11.53 9.96 -0.86
N SER A 1 16.73 -3.12 -5.32
CA SER A 1 15.59 -3.13 -6.23
C SER A 1 14.39 -2.43 -5.60
N PRO A 2 13.44 -2.01 -6.45
CA PRO A 2 12.22 -1.33 -6.00
C PRO A 2 11.28 -2.25 -5.24
N ARG A 3 10.41 -1.67 -4.42
CA ARG A 3 9.46 -2.45 -3.63
C ARG A 3 8.06 -1.86 -3.74
N VAL A 4 7.06 -2.73 -3.78
CA VAL A 4 5.67 -2.30 -3.88
C VAL A 4 4.77 -3.09 -2.94
N CYS A 5 4.24 -2.39 -1.93
CA CYS A 5 3.36 -3.03 -0.96
C CYS A 5 2.14 -2.16 -0.67
N ILE A 6 0.97 -2.78 -0.70
CA ILE A 6 -0.28 -2.06 -0.44
C ILE A 6 -1.07 -2.71 0.70
N ARG A 7 -1.73 -1.88 1.49
CA ARG A 7 -2.52 -2.38 2.62
C ARG A 7 -3.97 -1.92 2.51
N VAL A 8 -4.90 -2.84 2.70
CA VAL A 8 -6.32 -2.53 2.63
C VAL A 8 -7.08 -3.06 3.84
N CYS A 9 -8.14 -2.38 4.22
CA CYS A 9 -8.94 -2.78 5.37
C CYS A 9 -10.44 -2.64 5.06
N ARG A 10 -11.19 -3.71 5.30
CA ARG A 10 -12.63 -3.70 5.05
C ARG A 10 -13.38 -4.39 6.19
N ASN A 11 -14.50 -3.79 6.60
CA ASN A 11 -15.30 -4.34 7.67
C ASN A 11 -14.43 -4.82 8.82
N GLY A 12 -13.37 -4.06 9.10
CA GLY A 12 -12.46 -4.42 10.18
C GLY A 12 -11.33 -5.30 9.72
N VAL A 13 -11.63 -6.24 8.83
CA VAL A 13 -10.63 -7.16 8.31
C VAL A 13 -9.52 -6.40 7.59
N CYS A 14 -8.27 -6.74 7.91
CA CYS A 14 -7.12 -6.09 7.29
C CYS A 14 -6.17 -7.12 6.70
N TYR A 15 -5.58 -6.78 5.56
CA TYR A 15 -4.65 -7.68 4.88
C TYR A 15 -3.71 -6.91 3.95
N ARG A 16 -2.45 -7.29 3.96
CA ARG A 16 -1.45 -6.63 3.11
C ARG A 16 -1.10 -7.49 1.91
N ARG A 17 -0.96 -6.84 0.75
CA ARG A 17 -0.63 -7.55 -0.48
C ARG A 17 0.48 -6.82 -1.25
N CYS A 18 1.54 -7.54 -1.56
CA CYS A 18 2.67 -6.97 -2.28
C CYS A 18 2.87 -7.67 -3.62
N TRP A 19 3.56 -7.00 -4.54
CA TRP A 19 3.82 -7.57 -5.86
C TRP A 19 5.31 -7.59 -6.16
N GLY A 20 5.87 -8.77 -6.32
CA GLY A 20 7.29 -8.90 -6.61
C GLY A 20 7.62 -10.20 -7.29
N SER B 1 -16.15 3.31 7.01
CA SER B 1 -15.94 2.99 5.60
C SER B 1 -14.57 2.36 5.39
N PRO B 2 -14.41 1.67 4.25
CA PRO B 2 -13.15 0.99 3.90
C PRO B 2 -12.05 1.99 3.56
N ARG B 3 -10.80 1.54 3.69
CA ARG B 3 -9.65 2.38 3.39
C ARG B 3 -8.65 1.66 2.50
N VAL B 4 -8.02 2.40 1.59
CA VAL B 4 -7.03 1.81 0.69
C VAL B 4 -5.81 2.71 0.57
N CYS B 5 -4.67 2.21 1.04
CA CYS B 5 -3.43 2.97 0.98
C CYS B 5 -2.27 2.09 0.51
N ILE B 6 -1.50 2.60 -0.44
CA ILE B 6 -0.36 1.86 -0.99
C ILE B 6 0.93 2.67 -0.86
N ARG B 7 2.02 1.97 -0.59
CA ARG B 7 3.32 2.62 -0.45
C ARG B 7 4.34 2.02 -1.42
N VAL B 8 5.08 2.89 -2.11
CA VAL B 8 6.09 2.45 -3.07
C VAL B 8 7.41 3.16 -2.84
N CYS B 9 8.51 2.48 -3.15
CA CYS B 9 9.84 3.06 -2.99
C CYS B 9 10.74 2.68 -4.16
N ARG B 10 11.37 3.69 -4.76
CA ARG B 10 12.26 3.46 -5.90
C ARG B 10 13.51 4.32 -5.78
N ASN B 11 14.65 3.77 -6.18
CA ASN B 11 15.92 4.49 -6.12
C ASN B 11 16.07 5.22 -4.79
N GLY B 12 15.56 4.61 -3.73
CA GLY B 12 15.65 5.22 -2.41
C GLY B 12 14.45 6.10 -2.10
N VAL B 13 13.97 6.83 -3.10
CA VAL B 13 12.83 7.71 -2.93
C VAL B 13 11.60 6.93 -2.49
N CYS B 14 10.92 7.44 -1.47
CA CYS B 14 9.71 6.78 -0.95
C CYS B 14 8.53 7.76 -0.93
N TYR B 15 7.35 7.25 -1.25
CA TYR B 15 6.15 8.07 -1.28
C TYR B 15 4.90 7.22 -1.11
N ARG B 16 3.95 7.71 -0.33
CA ARG B 16 2.70 6.99 -0.08
C ARG B 16 1.55 7.59 -0.88
N ARG B 17 0.71 6.73 -1.44
CA ARG B 17 -0.42 7.18 -2.24
C ARG B 17 -1.69 6.41 -1.86
N CYS B 18 -2.74 7.14 -1.52
CA CYS B 18 -4.00 6.53 -1.14
C CYS B 18 -5.12 6.95 -2.08
N TRP B 19 -6.20 6.18 -2.11
CA TRP B 19 -7.33 6.47 -2.98
C TRP B 19 -8.62 6.57 -2.17
N GLY B 20 -9.23 7.75 -2.17
CA GLY B 20 -10.45 7.96 -1.43
C GLY B 20 -11.28 9.11 -1.97
N SER A 1 17.15 -2.96 -3.48
CA SER A 1 16.10 -3.12 -4.49
C SER A 1 14.85 -2.33 -4.11
N PRO A 2 13.99 -2.06 -5.11
CA PRO A 2 12.75 -1.31 -4.90
C PRO A 2 11.72 -2.10 -4.11
N ARG A 3 10.62 -1.46 -3.77
CA ARG A 3 9.56 -2.11 -3.00
C ARG A 3 8.19 -1.70 -3.52
N VAL A 4 7.27 -2.66 -3.55
CA VAL A 4 5.91 -2.40 -4.03
C VAL A 4 4.89 -3.19 -3.23
N CYS A 5 4.14 -2.50 -2.38
CA CYS A 5 3.12 -3.13 -1.56
C CYS A 5 1.88 -2.26 -1.45
N ILE A 6 0.77 -2.86 -1.02
CA ILE A 6 -0.48 -2.13 -0.87
C ILE A 6 -1.20 -2.52 0.42
N ARG A 7 -1.93 -1.57 0.99
CA ARG A 7 -2.65 -1.81 2.24
C ARG A 7 -4.14 -1.52 2.06
N VAL A 8 -4.97 -2.47 2.46
CA VAL A 8 -6.42 -2.32 2.35
C VAL A 8 -7.13 -2.90 3.55
N CYS A 9 -8.27 -2.31 3.91
CA CYS A 9 -9.05 -2.77 5.05
C CYS A 9 -10.54 -2.61 4.79
N ARG A 10 -11.30 -3.67 5.03
CA ARG A 10 -12.74 -3.65 4.82
C ARG A 10 -13.46 -4.45 5.90
N ASN A 11 -14.65 -3.98 6.28
CA ASN A 11 -15.44 -4.66 7.31
C ASN A 11 -14.56 -5.07 8.48
N GLY A 12 -13.56 -4.24 8.79
CA GLY A 12 -12.67 -4.54 9.89
C GLY A 12 -11.46 -5.34 9.47
N VAL A 13 -11.68 -6.29 8.55
CA VAL A 13 -10.59 -7.13 8.06
C VAL A 13 -9.50 -6.29 7.39
N CYS A 14 -8.25 -6.62 7.68
CA CYS A 14 -7.13 -5.89 7.12
C CYS A 14 -6.13 -6.86 6.47
N TYR A 15 -5.52 -6.43 5.37
CA TYR A 15 -4.55 -7.25 4.66
C TYR A 15 -3.80 -6.43 3.62
N ARG A 16 -2.59 -6.87 3.29
CA ARG A 16 -1.76 -6.18 2.31
C ARG A 16 -1.42 -7.09 1.15
N ARG A 17 -0.64 -6.58 0.20
CA ARG A 17 -0.24 -7.35 -0.97
C ARG A 17 1.04 -6.78 -1.59
N CYS A 18 2.04 -7.65 -1.76
CA CYS A 18 3.31 -7.23 -2.34
C CYS A 18 3.62 -8.03 -3.60
N TRP A 19 4.28 -7.39 -4.55
CA TRP A 19 4.64 -8.04 -5.81
C TRP A 19 6.16 -8.07 -6.00
N GLY A 20 6.61 -8.80 -7.01
CA GLY A 20 8.03 -8.89 -7.27
C GLY A 20 8.62 -10.20 -6.79
N SER B 1 -15.15 3.75 8.62
CA SER B 1 -15.09 3.61 7.18
C SER B 1 -13.86 2.81 6.75
N PRO B 2 -13.89 2.27 5.52
CA PRO B 2 -12.80 1.48 4.97
C PRO B 2 -11.57 2.33 4.67
N ARG B 3 -10.47 1.67 4.30
CA ARG B 3 -9.23 2.37 3.98
C ARG B 3 -8.56 1.75 2.75
N VAL B 4 -7.98 2.61 1.92
CA VAL B 4 -7.30 2.15 0.71
C VAL B 4 -6.07 2.99 0.42
N CYS B 5 -4.90 2.39 0.65
CA CYS B 5 -3.64 3.09 0.41
C CYS B 5 -2.60 2.14 -0.19
N ILE B 6 -1.55 2.71 -0.78
CA ILE B 6 -0.49 1.92 -1.39
C ILE B 6 0.88 2.49 -1.07
N ARG B 7 1.88 1.62 -0.96
CA ARG B 7 3.24 2.05 -0.66
C ARG B 7 4.21 1.57 -1.74
N VAL B 8 5.02 2.49 -2.24
CA VAL B 8 5.99 2.17 -3.28
C VAL B 8 7.31 2.89 -3.04
N CYS B 9 8.40 2.27 -3.47
CA CYS B 9 9.73 2.87 -3.30
C CYS B 9 10.62 2.53 -4.49
N ARG B 10 11.27 3.55 -5.05
CA ARG B 10 12.15 3.37 -6.19
C ARG B 10 13.38 4.28 -6.08
N ASN B 11 14.52 3.79 -6.56
CA ASN B 11 15.75 4.54 -6.51
C ASN B 11 15.94 5.21 -5.15
N GLY B 12 15.49 4.53 -4.10
CA GLY B 12 15.62 5.07 -2.76
C GLY B 12 14.41 5.89 -2.35
N VAL B 13 13.87 6.66 -3.29
CA VAL B 13 12.70 7.48 -3.03
C VAL B 13 11.51 6.64 -2.59
N CYS B 14 10.80 7.11 -1.58
CA CYS B 14 9.63 6.41 -1.06
C CYS B 14 8.41 7.33 -1.00
N TYR B 15 7.24 6.76 -1.26
CA TYR B 15 6.00 7.53 -1.24
C TYR B 15 4.79 6.61 -1.29
N ARG B 16 3.66 7.09 -0.77
CA ARG B 16 2.44 6.31 -0.76
C ARG B 16 1.33 7.03 -1.55
N ARG B 17 0.16 6.41 -1.60
CA ARG B 17 -0.98 6.99 -2.32
C ARG B 17 -2.30 6.43 -1.79
N CYS B 18 -3.19 7.33 -1.40
CA CYS B 18 -4.49 6.93 -0.87
C CYS B 18 -5.63 7.49 -1.73
N TRP B 19 -6.71 6.73 -1.85
CA TRP B 19 -7.86 7.15 -2.63
C TRP B 19 -9.10 7.27 -1.77
N GLY B 20 -10.17 7.83 -2.33
CA GLY B 20 -11.40 7.99 -1.59
C GLY B 20 -11.61 9.41 -1.10
N SER A 1 17.17 -2.02 -4.58
CA SER A 1 16.25 -2.81 -3.76
C SER A 1 14.95 -2.07 -3.52
N PRO A 2 14.12 -1.98 -4.57
CA PRO A 2 12.82 -1.29 -4.50
C PRO A 2 11.81 -2.04 -3.64
N ARG A 3 10.67 -1.42 -3.40
CA ARG A 3 9.63 -2.02 -2.59
C ARG A 3 8.24 -1.58 -3.06
N VAL A 4 7.33 -2.54 -3.22
CA VAL A 4 5.98 -2.23 -3.66
C VAL A 4 4.96 -3.07 -2.89
N CYS A 5 4.24 -2.42 -1.97
CA CYS A 5 3.23 -3.08 -1.16
C CYS A 5 2.00 -2.20 -1.00
N ILE A 6 0.85 -2.85 -0.85
CA ILE A 6 -0.41 -2.12 -0.67
C ILE A 6 -1.23 -2.72 0.47
N ARG A 7 -1.90 -1.85 1.22
CA ARG A 7 -2.72 -2.28 2.34
C ARG A 7 -4.19 -1.91 2.11
N VAL A 8 -5.08 -2.82 2.53
CA VAL A 8 -6.51 -2.59 2.37
C VAL A 8 -7.29 -3.11 3.57
N CYS A 9 -8.41 -2.48 3.86
CA CYS A 9 -9.25 -2.89 4.99
C CYS A 9 -10.73 -2.69 4.66
N ARG A 10 -11.53 -3.73 4.89
CA ARG A 10 -12.96 -3.68 4.63
C ARG A 10 -13.75 -4.44 5.69
N ASN A 11 -14.92 -3.95 6.02
CA ASN A 11 -15.77 -4.59 7.03
C ASN A 11 -14.95 -5.00 8.25
N GLY A 12 -13.96 -4.19 8.59
CA GLY A 12 -13.11 -4.50 9.72
C GLY A 12 -11.90 -5.32 9.35
N VAL A 13 -12.08 -6.27 8.43
CA VAL A 13 -11.00 -7.13 7.99
C VAL A 13 -9.84 -6.32 7.43
N CYS A 14 -8.62 -6.72 7.77
CA CYS A 14 -7.43 -6.02 7.31
C CYS A 14 -6.37 -7.01 6.83
N TYR A 15 -5.66 -6.64 5.77
CA TYR A 15 -4.62 -7.50 5.21
C TYR A 15 -3.66 -6.69 4.34
N ARG A 16 -2.47 -7.24 4.12
CA ARG A 16 -1.47 -6.57 3.30
C ARG A 16 -0.84 -7.55 2.32
N ARG A 17 -0.47 -7.03 1.14
CA ARG A 17 0.14 -7.87 0.11
C ARG A 17 1.11 -7.05 -0.75
N CYS A 18 2.24 -7.65 -1.10
CA CYS A 18 3.24 -6.98 -1.92
C CYS A 18 3.37 -7.65 -3.28
N TRP A 19 4.03 -6.97 -4.20
CA TRP A 19 4.23 -7.49 -5.55
C TRP A 19 5.70 -7.45 -5.94
N GLY A 20 6.08 -8.28 -6.92
CA GLY A 20 7.46 -8.31 -7.37
C GLY A 20 7.98 -9.72 -7.53
N SER B 1 -16.55 2.36 6.83
CA SER B 1 -15.31 3.12 6.91
C SER B 1 -14.14 2.32 6.35
N PRO B 2 -14.12 2.16 5.01
CA PRO B 2 -13.06 1.42 4.32
C PRO B 2 -11.72 2.14 4.36
N ARG B 3 -10.67 1.47 3.90
CA ARG B 3 -9.33 2.05 3.89
C ARG B 3 -8.52 1.52 2.70
N VAL B 4 -7.89 2.44 1.97
CA VAL B 4 -7.08 2.07 0.82
C VAL B 4 -5.80 2.88 0.75
N CYS B 5 -4.68 2.25 1.08
CA CYS B 5 -3.38 2.91 1.06
C CYS B 5 -2.32 2.03 0.43
N ILE B 6 -1.43 2.63 -0.35
CA ILE B 6 -0.37 1.90 -1.02
C ILE B 6 0.94 2.68 -0.98
N ARG B 7 2.05 1.95 -0.83
CA ARG B 7 3.37 2.57 -0.78
C ARG B 7 4.29 1.99 -1.86
N VAL B 8 5.16 2.83 -2.40
CA VAL B 8 6.09 2.40 -3.44
C VAL B 8 7.44 3.09 -3.27
N CYS B 9 8.50 2.40 -3.69
CA CYS B 9 9.86 2.94 -3.59
C CYS B 9 10.71 2.47 -4.77
N ARG B 10 11.37 3.41 -5.42
CA ARG B 10 12.23 3.10 -6.56
C ARG B 10 13.46 4.00 -6.58
N ASN B 11 14.58 3.46 -7.08
CA ASN B 11 15.82 4.22 -7.16
C ASN B 11 16.07 4.98 -5.87
N GLY B 12 15.68 4.39 -4.74
CA GLY B 12 15.87 5.03 -3.46
C GLY B 12 14.69 5.89 -3.05
N VAL B 13 14.10 6.58 -4.03
CA VAL B 13 12.96 7.45 -3.77
C VAL B 13 11.79 6.65 -3.18
N CYS B 14 11.12 7.24 -2.20
CA CYS B 14 9.98 6.58 -1.56
C CYS B 14 8.77 7.51 -1.51
N TYR B 15 7.59 6.96 -1.76
CA TYR B 15 6.36 7.74 -1.74
C TYR B 15 5.14 6.84 -1.56
N ARG B 16 4.04 7.42 -1.11
CA ARG B 16 2.81 6.68 -0.88
C ARG B 16 1.61 7.43 -1.46
N ARG B 17 0.55 6.69 -1.78
CA ARG B 17 -0.65 7.28 -2.33
C ARG B 17 -1.89 6.53 -1.86
N CYS B 18 -2.86 7.28 -1.34
CA CYS B 18 -4.10 6.69 -0.84
C CYS B 18 -5.32 7.35 -1.48
N TRP B 19 -6.48 6.71 -1.35
CA TRP B 19 -7.71 7.24 -1.92
C TRP B 19 -8.81 7.30 -0.86
N GLY B 20 -9.82 8.13 -1.11
CA GLY B 20 -10.91 8.26 -0.17
C GLY B 20 -11.29 9.70 0.09
N SER A 1 16.79 -1.22 -2.30
CA SER A 1 16.11 -1.73 -3.49
C SER A 1 14.66 -1.27 -3.54
N PRO A 2 14.06 -1.32 -4.73
CA PRO A 2 12.67 -0.92 -4.93
C PRO A 2 11.68 -1.89 -4.29
N ARG A 3 10.49 -1.38 -3.96
CA ARG A 3 9.46 -2.19 -3.34
C ARG A 3 8.07 -1.78 -3.82
N VAL A 4 7.14 -2.72 -3.81
CA VAL A 4 5.77 -2.45 -4.24
C VAL A 4 4.77 -3.24 -3.41
N CYS A 5 4.06 -2.54 -2.53
CA CYS A 5 3.07 -3.18 -1.67
C CYS A 5 1.79 -2.35 -1.61
N ILE A 6 0.71 -2.95 -1.11
CA ILE A 6 -0.57 -2.26 -1.00
C ILE A 6 -1.28 -2.62 0.30
N ARG A 7 -1.96 -1.65 0.88
CA ARG A 7 -2.68 -1.86 2.14
C ARG A 7 -4.16 -1.54 1.98
N VAL A 8 -5.00 -2.54 2.19
CA VAL A 8 -6.45 -2.36 2.06
C VAL A 8 -7.17 -2.83 3.33
N CYS A 9 -8.30 -2.21 3.62
CA CYS A 9 -9.09 -2.55 4.80
C CYS A 9 -10.58 -2.51 4.49
N ARG A 10 -11.29 -3.57 4.88
CA ARG A 10 -12.73 -3.65 4.63
C ARG A 10 -13.44 -4.26 5.84
N ASN A 11 -14.58 -3.68 6.21
CA ASN A 11 -15.36 -4.18 7.34
C ASN A 11 -14.45 -4.51 8.52
N GLY A 12 -13.43 -3.70 8.72
CA GLY A 12 -12.51 -3.92 9.81
C GLY A 12 -11.32 -4.78 9.41
N VAL A 13 -11.59 -5.80 8.60
CA VAL A 13 -10.54 -6.70 8.14
C VAL A 13 -9.46 -5.94 7.37
N CYS A 14 -8.20 -6.22 7.70
CA CYS A 14 -7.08 -5.57 7.05
C CYS A 14 -6.06 -6.59 6.56
N TYR A 15 -5.34 -6.25 5.49
CA TYR A 15 -4.33 -7.14 4.92
C TYR A 15 -3.47 -6.40 3.90
N ARG A 16 -2.25 -6.89 3.71
CA ARG A 16 -1.33 -6.28 2.75
C ARG A 16 -0.97 -7.26 1.65
N ARG A 17 -0.65 -6.73 0.47
CA ARG A 17 -0.28 -7.57 -0.68
C ARG A 17 0.80 -6.89 -1.50
N CYS A 18 1.89 -7.62 -1.76
CA CYS A 18 2.99 -7.10 -2.54
C CYS A 18 3.20 -7.93 -3.81
N TRP A 19 3.91 -7.35 -4.77
CA TRP A 19 4.18 -8.02 -6.03
C TRP A 19 5.68 -8.24 -6.23
N GLY A 20 6.09 -9.50 -6.34
CA GLY A 20 7.49 -9.81 -6.53
C GLY A 20 7.72 -11.29 -6.83
N SER B 1 -13.82 2.21 9.55
CA SER B 1 -14.18 2.41 8.15
C SER B 1 -13.12 1.84 7.22
N PRO B 2 -13.51 1.59 5.95
CA PRO B 2 -12.61 1.04 4.94
C PRO B 2 -11.52 2.02 4.53
N ARG B 3 -10.41 1.49 4.02
CA ARG B 3 -9.30 2.32 3.59
C ARG B 3 -8.60 1.70 2.38
N VAL B 4 -7.99 2.55 1.56
CA VAL B 4 -7.28 2.09 0.37
C VAL B 4 -6.03 2.92 0.12
N CYS B 5 -4.87 2.34 0.40
CA CYS B 5 -3.60 3.02 0.21
C CYS B 5 -2.58 2.09 -0.45
N ILE B 6 -1.49 2.67 -0.94
CA ILE B 6 -0.44 1.91 -1.60
C ILE B 6 0.94 2.41 -1.21
N ARG B 7 1.90 1.51 -1.14
CA ARG B 7 3.27 1.87 -0.77
C ARG B 7 4.24 1.53 -1.91
N VAL B 8 4.91 2.55 -2.44
CA VAL B 8 5.86 2.36 -3.52
C VAL B 8 7.21 2.97 -3.17
N CYS B 9 8.28 2.37 -3.68
CA CYS B 9 9.63 2.85 -3.42
C CYS B 9 10.52 2.65 -4.65
N ARG B 10 11.23 3.70 -5.02
CA ARG B 10 12.13 3.64 -6.18
C ARG B 10 13.41 4.44 -5.92
N ASN B 11 14.53 3.87 -6.34
CA ASN B 11 15.83 4.52 -6.16
C ASN B 11 15.95 5.11 -4.75
N GLY B 12 15.41 4.39 -3.76
CA GLY B 12 15.46 4.85 -2.39
C GLY B 12 14.25 5.70 -2.02
N VAL B 13 13.81 6.54 -2.94
CA VAL B 13 12.66 7.40 -2.71
C VAL B 13 11.42 6.58 -2.39
N CYS B 14 10.67 7.02 -1.38
CA CYS B 14 9.45 6.32 -0.97
C CYS B 14 8.29 7.29 -0.82
N TYR B 15 7.08 6.79 -1.03
CA TYR B 15 5.89 7.63 -0.92
C TYR B 15 4.62 6.77 -0.90
N ARG B 16 3.55 7.32 -0.34
CA ARG B 16 2.29 6.61 -0.25
C ARG B 16 1.20 7.33 -1.04
N ARG B 17 0.23 6.57 -1.53
CA ARG B 17 -0.87 7.14 -2.31
C ARG B 17 -2.18 6.40 -2.03
N CYS B 18 -3.21 7.16 -1.65
CA CYS B 18 -4.50 6.57 -1.35
C CYS B 18 -5.58 7.12 -2.29
N TRP B 19 -6.71 6.42 -2.37
CA TRP B 19 -7.80 6.84 -3.23
C TRP B 19 -9.05 7.13 -2.41
N GLY B 20 -9.54 8.37 -2.48
CA GLY B 20 -10.72 8.75 -1.75
C GLY B 20 -11.22 10.14 -2.11
N SER A 1 16.94 -1.42 -4.61
CA SER A 1 16.04 -2.39 -4.01
C SER A 1 14.59 -1.92 -4.10
N PRO A 2 14.03 -1.95 -5.31
CA PRO A 2 12.64 -1.52 -5.56
C PRO A 2 11.63 -2.49 -4.96
N ARG A 3 10.59 -1.94 -4.34
CA ARG A 3 9.55 -2.76 -3.73
C ARG A 3 8.21 -2.03 -3.75
N VAL A 4 7.15 -2.79 -3.99
CA VAL A 4 5.80 -2.23 -4.04
C VAL A 4 4.82 -3.05 -3.21
N CYS A 5 4.18 -2.38 -2.24
CA CYS A 5 3.21 -3.05 -1.38
C CYS A 5 2.01 -2.16 -1.11
N ILE A 6 0.82 -2.74 -1.16
CA ILE A 6 -0.40 -1.99 -0.92
C ILE A 6 -1.12 -2.49 0.33
N ARG A 7 -1.82 -1.59 1.01
CA ARG A 7 -2.54 -1.93 2.23
C ARG A 7 -4.01 -1.52 2.13
N VAL A 8 -4.90 -2.47 2.40
CA VAL A 8 -6.33 -2.20 2.33
C VAL A 8 -7.04 -2.71 3.58
N CYS A 9 -8.13 -2.05 3.95
CA CYS A 9 -8.91 -2.43 5.12
C CYS A 9 -10.40 -2.38 4.83
N ARG A 10 -11.09 -3.48 5.13
CA ARG A 10 -12.54 -3.56 4.90
C ARG A 10 -13.24 -4.21 6.09
N ASN A 11 -14.38 -3.66 6.48
CA ASN A 11 -15.14 -4.19 7.60
C ASN A 11 -14.23 -4.56 8.76
N GLY A 12 -13.20 -3.74 8.98
CA GLY A 12 -12.26 -4.00 10.05
C GLY A 12 -11.10 -4.87 9.62
N VAL A 13 -11.38 -5.87 8.80
CA VAL A 13 -10.34 -6.77 8.31
C VAL A 13 -9.29 -6.01 7.52
N CYS A 14 -8.02 -6.27 7.82
CA CYS A 14 -6.92 -5.61 7.14
C CYS A 14 -5.93 -6.65 6.59
N TYR A 15 -5.24 -6.28 5.52
CA TYR A 15 -4.26 -7.17 4.90
C TYR A 15 -3.41 -6.41 3.89
N ARG A 16 -2.16 -6.86 3.72
CA ARG A 16 -1.24 -6.23 2.78
C ARG A 16 -0.85 -7.20 1.67
N ARG A 17 -0.65 -6.66 0.47
CA ARG A 17 -0.28 -7.47 -0.67
C ARG A 17 0.80 -6.79 -1.51
N CYS A 18 1.88 -7.50 -1.78
CA CYS A 18 2.98 -6.96 -2.57
C CYS A 18 3.06 -7.63 -3.94
N TRP A 19 3.69 -6.96 -4.89
CA TRP A 19 3.83 -7.48 -6.24
C TRP A 19 5.30 -7.72 -6.57
N GLY A 20 5.66 -8.98 -6.81
CA GLY A 20 7.03 -9.31 -7.14
C GLY A 20 7.28 -10.81 -7.15
N SER B 1 -15.31 1.50 8.30
CA SER B 1 -14.34 2.52 7.93
C SER B 1 -13.35 1.99 6.91
N PRO B 2 -13.84 1.80 5.67
CA PRO B 2 -13.01 1.29 4.57
C PRO B 2 -11.96 2.31 4.10
N ARG B 3 -10.75 1.83 3.86
CA ARG B 3 -9.66 2.69 3.41
C ARG B 3 -8.69 1.94 2.50
N VAL B 4 -8.18 2.62 1.49
CA VAL B 4 -7.25 2.01 0.55
C VAL B 4 -6.03 2.91 0.33
N CYS B 5 -4.85 2.36 0.62
CA CYS B 5 -3.61 3.11 0.45
C CYS B 5 -2.50 2.20 -0.06
N ILE B 6 -1.69 2.72 -0.98
CA ILE B 6 -0.60 1.96 -1.55
C ILE B 6 0.75 2.58 -1.19
N ARG B 7 1.77 1.74 -1.05
CA ARG B 7 3.10 2.22 -0.72
C ARG B 7 4.14 1.67 -1.70
N VAL B 8 4.93 2.57 -2.27
CA VAL B 8 5.97 2.17 -3.22
C VAL B 8 7.29 2.85 -2.90
N CYS B 9 8.39 2.17 -3.24
CA CYS B 9 9.72 2.70 -2.99
C CYS B 9 10.65 2.43 -4.17
N ARG B 10 11.30 3.48 -4.66
CA ARG B 10 12.21 3.35 -5.79
C ARG B 10 13.48 4.17 -5.56
N ASN B 11 14.63 3.57 -5.89
CA ASN B 11 15.91 4.26 -5.72
C ASN B 11 15.97 4.97 -4.37
N GLY B 12 15.41 4.34 -3.35
CA GLY B 12 15.40 4.93 -2.02
C GLY B 12 14.18 5.80 -1.77
N VAL B 13 13.77 6.55 -2.79
CA VAL B 13 12.61 7.42 -2.66
C VAL B 13 11.36 6.62 -2.33
N CYS B 14 10.61 7.09 -1.34
CA CYS B 14 9.38 6.41 -0.92
C CYS B 14 8.22 7.40 -0.86
N TYR B 15 7.01 6.89 -1.08
CA TYR B 15 5.81 7.71 -1.05
C TYR B 15 4.55 6.86 -1.00
N ARG B 16 3.51 7.39 -0.38
CA ARG B 16 2.24 6.67 -0.27
C ARG B 16 1.13 7.40 -1.01
N ARG B 17 0.21 6.64 -1.58
CA ARG B 17 -0.90 7.21 -2.33
C ARG B 17 -2.20 6.46 -2.04
N CYS B 18 -3.23 7.20 -1.63
CA CYS B 18 -4.52 6.60 -1.31
C CYS B 18 -5.57 6.99 -2.35
N TRP B 19 -6.62 6.20 -2.44
CA TRP B 19 -7.70 6.47 -3.40
C TRP B 19 -9.00 6.76 -2.67
N GLY B 20 -9.51 7.97 -2.84
CA GLY B 20 -10.76 8.36 -2.20
C GLY B 20 -11.05 9.85 -2.34
N SER A 1 17.05 -2.44 -2.52
CA SER A 1 16.21 -2.72 -3.68
C SER A 1 14.83 -2.06 -3.52
N PRO A 2 14.13 -1.90 -4.65
CA PRO A 2 12.80 -1.28 -4.66
C PRO A 2 11.74 -2.18 -4.02
N ARG A 3 10.57 -1.62 -3.79
CA ARG A 3 9.46 -2.37 -3.18
C ARG A 3 8.12 -1.93 -3.76
N VAL A 4 7.19 -2.87 -3.84
CA VAL A 4 5.86 -2.57 -4.37
C VAL A 4 4.78 -3.35 -3.62
N CYS A 5 4.03 -2.66 -2.77
CA CYS A 5 2.97 -3.29 -2.00
C CYS A 5 1.73 -2.40 -1.96
N ILE A 6 0.64 -2.95 -1.42
CA ILE A 6 -0.61 -2.21 -1.33
C ILE A 6 -1.27 -2.42 0.04
N ARG A 7 -2.02 -1.41 0.48
CA ARG A 7 -2.70 -1.48 1.77
C ARG A 7 -4.22 -1.41 1.59
N VAL A 8 -4.94 -2.34 2.19
CA VAL A 8 -6.39 -2.38 2.09
C VAL A 8 -7.02 -2.83 3.41
N CYS A 9 -8.19 -2.28 3.72
CA CYS A 9 -8.89 -2.63 4.95
C CYS A 9 -10.40 -2.59 4.73
N ARG A 10 -11.10 -3.61 5.24
CA ARG A 10 -12.54 -3.71 5.11
C ARG A 10 -13.16 -4.31 6.35
N ASN A 11 -14.33 -3.81 6.74
CA ASN A 11 -15.03 -4.31 7.92
C ASN A 11 -14.06 -4.54 9.08
N GLY A 12 -13.09 -3.63 9.22
CA GLY A 12 -12.12 -3.76 10.29
C GLY A 12 -10.90 -4.55 9.86
N VAL A 13 -11.12 -5.61 9.10
CA VAL A 13 -10.02 -6.45 8.63
C VAL A 13 -9.01 -5.63 7.82
N CYS A 14 -7.73 -5.96 7.98
CA CYS A 14 -6.67 -5.27 7.27
C CYS A 14 -5.66 -6.25 6.69
N TYR A 15 -5.26 -6.03 5.44
CA TYR A 15 -4.31 -6.90 4.77
C TYR A 15 -3.62 -6.16 3.62
N ARG A 16 -2.37 -6.53 3.35
CA ARG A 16 -1.61 -5.92 2.28
C ARG A 16 -1.35 -6.92 1.15
N ARG A 17 -0.62 -6.47 0.13
CA ARG A 17 -0.31 -7.33 -1.01
C ARG A 17 0.90 -6.79 -1.77
N CYS A 18 1.90 -7.65 -1.95
CA CYS A 18 3.11 -7.25 -2.67
C CYS A 18 3.29 -8.10 -3.93
N TRP A 19 3.95 -7.52 -4.93
CA TRP A 19 4.19 -8.20 -6.19
C TRP A 19 5.68 -8.38 -6.44
N GLY A 20 6.14 -9.62 -6.52
CA GLY A 20 7.53 -9.89 -6.76
C GLY A 20 7.94 -9.63 -8.20
N SER B 1 -14.46 3.11 9.17
CA SER B 1 -14.64 3.03 7.73
C SER B 1 -13.45 2.34 7.07
N PRO B 2 -13.66 1.85 5.84
CA PRO B 2 -12.61 1.15 5.08
C PRO B 2 -11.50 2.09 4.62
N ARG B 3 -10.41 1.52 4.13
CA ARG B 3 -9.28 2.31 3.66
C ARG B 3 -8.64 1.66 2.44
N VAL B 4 -8.09 2.49 1.55
CA VAL B 4 -7.45 2.01 0.34
C VAL B 4 -6.23 2.85 -0.01
N CYS B 5 -5.04 2.29 0.22
CA CYS B 5 -3.80 2.99 -0.07
C CYS B 5 -2.78 2.06 -0.72
N ILE B 6 -1.67 2.62 -1.17
CA ILE B 6 -0.62 1.84 -1.81
C ILE B 6 0.76 2.28 -1.33
N ARG B 7 1.70 1.34 -1.31
CA ARG B 7 3.07 1.63 -0.88
C ARG B 7 4.06 1.33 -2.00
N VAL B 8 4.92 2.31 -2.29
CA VAL B 8 5.93 2.14 -3.33
C VAL B 8 7.23 2.84 -2.95
N CYS B 9 8.34 2.26 -3.37
CA CYS B 9 9.66 2.82 -3.07
C CYS B 9 10.64 2.57 -4.23
N ARG B 10 11.39 3.60 -4.58
CA ARG B 10 12.36 3.49 -5.66
C ARG B 10 13.60 4.35 -5.39
N ASN B 11 14.76 3.83 -5.76
CA ASN B 11 16.01 4.55 -5.55
C ASN B 11 16.05 5.17 -4.16
N GLY B 12 15.53 4.44 -3.17
CA GLY B 12 15.51 4.95 -1.80
C GLY B 12 14.25 5.72 -1.49
N VAL B 13 13.79 6.52 -2.45
CA VAL B 13 12.58 7.32 -2.26
C VAL B 13 11.39 6.44 -1.94
N CYS B 14 10.52 6.93 -1.06
CA CYS B 14 9.33 6.19 -0.67
C CYS B 14 8.10 7.11 -0.62
N TYR B 15 6.99 6.62 -1.16
CA TYR B 15 5.75 7.40 -1.17
C TYR B 15 4.54 6.49 -1.34
N ARG B 16 3.40 6.92 -0.79
CA ARG B 16 2.17 6.13 -0.88
C ARG B 16 1.11 6.90 -1.67
N ARG B 17 -0.05 6.27 -1.82
CA ARG B 17 -1.15 6.89 -2.57
C ARG B 17 -2.49 6.27 -2.16
N CYS B 18 -3.43 7.12 -1.76
CA CYS B 18 -4.75 6.67 -1.35
C CYS B 18 -5.84 7.23 -2.27
N TRP B 19 -6.93 6.49 -2.40
CA TRP B 19 -8.04 6.92 -3.25
C TRP B 19 -9.31 7.11 -2.43
N GLY B 20 -9.80 8.35 -2.40
CA GLY B 20 -11.02 8.65 -1.64
C GLY B 20 -12.27 8.10 -2.32
N SER A 1 16.09 -0.12 -0.53
CA SER A 1 15.86 -0.96 -1.70
C SER A 1 14.43 -0.80 -2.22
N PRO A 2 14.22 -1.18 -3.48
CA PRO A 2 12.91 -1.08 -4.13
C PRO A 2 11.90 -2.07 -3.55
N ARG A 3 10.66 -1.63 -3.39
CA ARG A 3 9.60 -2.47 -2.85
C ARG A 3 8.23 -1.99 -3.28
N VAL A 4 7.33 -2.92 -3.54
CA VAL A 4 5.97 -2.59 -3.97
C VAL A 4 4.93 -3.36 -3.16
N CYS A 5 4.26 -2.66 -2.26
CA CYS A 5 3.24 -3.29 -1.43
C CYS A 5 2.03 -2.37 -1.27
N ILE A 6 0.86 -2.97 -1.08
CA ILE A 6 -0.37 -2.20 -0.92
C ILE A 6 -1.14 -2.65 0.32
N ARG A 7 -2.05 -1.81 0.79
CA ARG A 7 -2.85 -2.13 1.97
C ARG A 7 -4.32 -1.78 1.73
N VAL A 8 -5.21 -2.67 2.17
CA VAL A 8 -6.64 -2.47 2.01
C VAL A 8 -7.40 -2.86 3.27
N CYS A 9 -8.53 -2.20 3.51
CA CYS A 9 -9.35 -2.49 4.68
C CYS A 9 -10.83 -2.45 4.33
N ARG A 10 -11.54 -3.51 4.68
CA ARG A 10 -12.97 -3.60 4.40
C ARG A 10 -13.72 -4.23 5.58
N ASN A 11 -14.87 -3.65 5.92
CA ASN A 11 -15.67 -4.16 7.02
C ASN A 11 -14.80 -4.51 8.22
N GLY A 12 -13.79 -3.69 8.46
CA GLY A 12 -12.89 -3.93 9.57
C GLY A 12 -11.70 -4.79 9.20
N VAL A 13 -11.95 -5.80 8.36
CA VAL A 13 -10.88 -6.70 7.92
C VAL A 13 -9.78 -5.93 7.19
N CYS A 14 -8.53 -6.20 7.58
CA CYS A 14 -7.40 -5.54 6.96
C CYS A 14 -6.31 -6.55 6.59
N TYR A 15 -5.59 -6.26 5.51
CA TYR A 15 -4.53 -7.14 5.05
C TYR A 15 -3.62 -6.43 4.06
N ARG A 16 -2.37 -6.88 3.98
CA ARG A 16 -1.40 -6.28 3.07
C ARG A 16 -0.83 -7.33 2.11
N ARG A 17 -0.53 -6.91 0.88
CA ARG A 17 0.01 -7.81 -0.12
C ARG A 17 1.04 -7.09 -0.99
N CYS A 18 2.14 -7.77 -1.28
CA CYS A 18 3.20 -7.19 -2.11
C CYS A 18 3.32 -7.93 -3.43
N TRP A 19 4.00 -7.31 -4.39
CA TRP A 19 4.18 -7.92 -5.71
C TRP A 19 5.66 -8.01 -6.06
N GLY A 20 5.97 -8.85 -7.04
CA GLY A 20 7.35 -9.02 -7.46
C GLY A 20 7.69 -10.47 -7.75
N SER B 1 -13.90 0.55 9.03
CA SER B 1 -14.31 1.37 7.88
C SER B 1 -13.40 1.10 6.68
N PRO B 2 -13.89 1.45 5.49
CA PRO B 2 -13.15 1.26 4.23
C PRO B 2 -11.95 2.19 4.13
N ARG B 3 -10.84 1.67 3.60
CA ARG B 3 -9.63 2.46 3.44
C ARG B 3 -8.74 1.89 2.33
N VAL B 4 -8.11 2.78 1.57
CA VAL B 4 -7.25 2.36 0.47
C VAL B 4 -5.93 3.12 0.50
N CYS B 5 -4.86 2.43 0.90
CA CYS B 5 -3.54 3.05 0.97
C CYS B 5 -2.48 2.10 0.42
N ILE B 6 -1.54 2.65 -0.35
CA ILE B 6 -0.46 1.86 -0.93
C ILE B 6 0.87 2.58 -0.81
N ARG B 7 1.96 1.82 -0.93
CA ARG B 7 3.30 2.39 -0.84
C ARG B 7 4.22 1.78 -1.89
N VAL B 8 5.04 2.62 -2.51
CA VAL B 8 5.97 2.17 -3.54
C VAL B 8 7.33 2.84 -3.38
N CYS B 9 8.39 2.12 -3.77
CA CYS B 9 9.74 2.64 -3.68
C CYS B 9 10.59 2.19 -4.87
N ARG B 10 11.23 3.14 -5.53
CA ARG B 10 12.07 2.84 -6.69
C ARG B 10 13.33 3.71 -6.68
N ASN B 11 14.44 3.14 -7.12
CA ASN B 11 15.71 3.86 -7.18
C ASN B 11 15.93 4.66 -5.91
N GLY B 12 15.48 4.11 -4.78
CA GLY B 12 15.64 4.80 -3.51
C GLY B 12 14.46 5.69 -3.18
N VAL B 13 13.92 6.36 -4.19
CA VAL B 13 12.79 7.26 -4.00
C VAL B 13 11.59 6.50 -3.44
N CYS B 14 10.96 7.07 -2.43
CA CYS B 14 9.79 6.46 -1.80
C CYS B 14 8.64 7.45 -1.71
N TYR B 15 7.41 6.94 -1.84
CA TYR B 15 6.22 7.78 -1.78
C TYR B 15 4.98 6.94 -1.54
N ARG B 16 3.97 7.55 -0.92
CA ARG B 16 2.72 6.85 -0.64
C ARG B 16 1.53 7.58 -1.26
N ARG B 17 0.53 6.84 -1.68
CA ARG B 17 -0.66 7.42 -2.30
C ARG B 17 -1.93 6.70 -1.81
N CYS B 18 -2.91 7.49 -1.39
CA CYS B 18 -4.17 6.95 -0.89
C CYS B 18 -5.36 7.66 -1.54
N TRP B 19 -6.52 7.02 -1.47
CA TRP B 19 -7.74 7.59 -2.04
C TRP B 19 -8.84 7.68 -1.00
N GLY B 20 -9.86 8.51 -1.29
CA GLY B 20 -10.96 8.67 -0.36
C GLY B 20 -11.42 10.11 -0.26
N SER A 1 16.31 0.07 -4.08
CA SER A 1 15.39 -0.81 -3.34
C SER A 1 13.98 -0.70 -3.89
N PRO A 2 13.77 -1.22 -5.11
CA PRO A 2 12.47 -1.21 -5.78
C PRO A 2 11.46 -2.13 -5.10
N ARG A 3 10.38 -1.54 -4.59
CA ARG A 3 9.34 -2.32 -3.91
C ARG A 3 7.97 -1.70 -4.14
N VAL A 4 7.00 -2.52 -4.53
CA VAL A 4 5.64 -2.05 -4.79
C VAL A 4 4.63 -2.89 -4.02
N CYS A 5 4.08 -2.31 -2.96
CA CYS A 5 3.08 -3.00 -2.14
C CYS A 5 1.77 -2.23 -2.13
N ILE A 6 0.72 -2.88 -1.63
CA ILE A 6 -0.60 -2.27 -1.56
C ILE A 6 -1.25 -2.50 -0.21
N ARG A 7 -2.09 -1.57 0.22
CA ARG A 7 -2.78 -1.68 1.50
C ARG A 7 -4.29 -1.59 1.31
N VAL A 8 -5.02 -2.42 2.06
CA VAL A 8 -6.48 -2.43 1.97
C VAL A 8 -7.10 -2.69 3.34
N CYS A 9 -8.30 -2.15 3.55
CA CYS A 9 -9.01 -2.32 4.81
C CYS A 9 -10.50 -2.53 4.57
N ARG A 10 -11.04 -3.58 5.17
CA ARG A 10 -12.46 -3.89 5.02
C ARG A 10 -13.04 -4.39 6.35
N ASN A 11 -14.27 -3.94 6.65
CA ASN A 11 -14.93 -4.33 7.88
C ASN A 11 -13.97 -4.29 9.07
N GLY A 12 -13.09 -3.30 9.07
CA GLY A 12 -12.13 -3.16 10.15
C GLY A 12 -10.84 -3.90 9.86
N VAL A 13 -10.95 -5.10 9.29
CA VAL A 13 -9.79 -5.91 8.96
C VAL A 13 -8.86 -5.17 8.00
N CYS A 14 -7.57 -5.16 8.33
CA CYS A 14 -6.57 -4.50 7.50
C CYS A 14 -5.42 -5.44 7.17
N TYR A 15 -4.97 -5.40 5.92
CA TYR A 15 -3.88 -6.25 5.47
C TYR A 15 -3.16 -5.64 4.27
N ARG A 16 -1.94 -6.10 4.01
CA ARG A 16 -1.15 -5.60 2.90
C ARG A 16 -0.53 -6.74 2.11
N ARG A 17 -0.36 -6.54 0.81
CA ARG A 17 0.21 -7.57 -0.05
C ARG A 17 1.14 -6.94 -1.08
N CYS A 18 2.38 -7.43 -1.14
CA CYS A 18 3.37 -6.92 -2.09
C CYS A 18 3.50 -7.85 -3.29
N TRP A 19 3.79 -7.26 -4.44
CA TRP A 19 3.95 -8.03 -5.67
C TRP A 19 5.42 -8.37 -5.92
N GLY A 20 5.67 -9.59 -6.38
CA GLY A 20 7.03 -10.01 -6.66
C GLY A 20 7.20 -11.51 -6.55
N SER B 1 -14.76 0.20 7.81
CA SER B 1 -13.70 1.17 7.52
C SER B 1 -13.04 0.86 6.19
N PRO B 2 -13.78 1.10 5.09
CA PRO B 2 -13.29 0.86 3.73
C PRO B 2 -12.21 1.84 3.32
N ARG B 3 -11.01 1.32 3.06
CA ARG B 3 -9.89 2.16 2.65
C ARG B 3 -8.99 1.42 1.66
N VAL B 4 -8.64 2.11 0.58
CA VAL B 4 -7.78 1.51 -0.44
C VAL B 4 -6.57 2.40 -0.73
N CYS B 5 -5.40 1.98 -0.25
CA CYS B 5 -4.18 2.73 -0.44
C CYS B 5 -3.08 1.85 -1.06
N ILE B 6 -2.04 2.49 -1.57
CA ILE B 6 -0.94 1.76 -2.18
C ILE B 6 0.41 2.38 -1.80
N ARG B 7 1.45 1.55 -1.78
CA ARG B 7 2.78 2.01 -1.43
C ARG B 7 3.79 1.64 -2.52
N VAL B 8 4.75 2.52 -2.76
CA VAL B 8 5.77 2.30 -3.77
C VAL B 8 7.12 2.85 -3.33
N CYS B 9 8.20 2.23 -3.81
CA CYS B 9 9.55 2.65 -3.46
C CYS B 9 10.46 2.59 -4.68
N ARG B 10 11.23 3.66 -4.89
CA ARG B 10 12.15 3.72 -6.02
C ARG B 10 13.45 4.40 -5.62
N ASN B 11 14.57 3.88 -6.11
CA ASN B 11 15.88 4.43 -5.80
C ASN B 11 15.99 4.78 -4.32
N GLY B 12 15.42 3.92 -3.48
CA GLY B 12 15.46 4.16 -2.04
C GLY B 12 14.28 4.97 -1.55
N VAL B 13 13.89 5.98 -2.33
CA VAL B 13 12.76 6.83 -1.97
C VAL B 13 11.49 6.02 -1.78
N CYS B 14 10.78 6.26 -0.68
CA CYS B 14 9.55 5.54 -0.39
C CYS B 14 8.42 6.53 -0.09
N TYR B 15 7.24 6.23 -0.60
CA TYR B 15 6.07 7.08 -0.39
C TYR B 15 4.78 6.29 -0.51
N ARG B 16 3.73 6.77 0.15
CA ARG B 16 2.44 6.10 0.14
C ARG B 16 1.34 7.06 -0.30
N ARG B 17 0.35 6.53 -1.01
CA ARG B 17 -0.77 7.35 -1.49
C ARG B 17 -2.11 6.68 -1.19
N CYS B 18 -2.98 7.39 -0.50
CA CYS B 18 -4.29 6.86 -0.14
C CYS B 18 -5.38 7.43 -1.06
N TRP B 19 -6.38 6.61 -1.36
CA TRP B 19 -7.47 7.02 -2.23
C TRP B 19 -8.67 7.48 -1.40
N GLY B 20 -9.33 8.55 -1.86
CA GLY B 20 -10.48 9.06 -1.16
C GLY B 20 -10.71 10.54 -1.41
N SER A 1 16.50 -2.50 -6.63
CA SER A 1 15.77 -3.14 -5.54
C SER A 1 14.37 -2.56 -5.40
N PRO A 2 13.50 -2.88 -6.38
CA PRO A 2 12.12 -2.41 -6.40
C PRO A 2 11.27 -3.04 -5.30
N ARG A 3 10.47 -2.22 -4.63
CA ARG A 3 9.62 -2.70 -3.55
C ARG A 3 8.22 -2.07 -3.65
N VAL A 4 7.20 -2.89 -3.40
CA VAL A 4 5.82 -2.42 -3.45
C VAL A 4 4.99 -3.00 -2.33
N CYS A 5 4.17 -2.17 -1.70
CA CYS A 5 3.32 -2.60 -0.60
C CYS A 5 1.89 -2.10 -0.78
N ILE A 6 0.92 -2.99 -0.57
CA ILE A 6 -0.48 -2.63 -0.71
C ILE A 6 -1.24 -2.89 0.58
N ARG A 7 -2.06 -1.92 0.97
CA ARG A 7 -2.85 -2.03 2.19
C ARG A 7 -4.32 -1.70 1.94
N VAL A 8 -5.18 -2.72 2.02
CA VAL A 8 -6.60 -2.53 1.79
C VAL A 8 -7.40 -2.88 3.04
N CYS A 9 -8.50 -2.15 3.26
CA CYS A 9 -9.35 -2.37 4.41
C CYS A 9 -10.80 -2.00 4.10
N ARG A 10 -11.71 -2.93 4.35
CA ARG A 10 -13.13 -2.70 4.09
C ARG A 10 -13.99 -3.68 4.89
N ASN A 11 -15.16 -3.23 5.31
CA ASN A 11 -16.08 -4.07 6.08
C ASN A 11 -15.34 -4.84 7.16
N GLY A 12 -14.30 -4.21 7.72
CA GLY A 12 -13.52 -4.86 8.76
C GLY A 12 -12.35 -5.65 8.20
N VAL A 13 -12.58 -6.33 7.08
CA VAL A 13 -11.53 -7.13 6.45
C VAL A 13 -10.36 -6.25 6.01
N CYS A 14 -9.16 -6.69 6.36
CA CYS A 14 -7.95 -5.94 6.02
C CYS A 14 -6.93 -6.85 5.33
N TYR A 15 -6.16 -6.29 4.40
CA TYR A 15 -5.16 -7.05 3.67
C TYR A 15 -3.82 -6.31 3.67
N ARG A 16 -2.72 -7.08 3.66
CA ARG A 16 -1.39 -6.50 3.66
C ARG A 16 -0.41 -7.41 2.93
N ARG A 17 -0.03 -7.02 1.71
CA ARG A 17 0.90 -7.79 0.91
C ARG A 17 1.90 -6.88 0.21
N CYS A 18 3.10 -7.40 -0.03
CA CYS A 18 4.15 -6.64 -0.69
C CYS A 18 4.93 -7.52 -1.66
N TRP A 19 5.47 -6.90 -2.72
CA TRP A 19 6.24 -7.63 -3.71
C TRP A 19 7.74 -7.44 -3.49
N GLY A 20 8.55 -8.16 -4.26
CA GLY A 20 9.99 -8.05 -4.12
C GLY A 20 10.68 -7.84 -5.46
N SER B 1 -16.15 2.11 7.45
CA SER B 1 -15.03 3.01 7.34
C SER B 1 -13.91 2.38 6.52
N PRO B 2 -14.11 2.32 5.19
CA PRO B 2 -13.13 1.74 4.26
C PRO B 2 -11.87 2.60 4.14
N ARG B 3 -10.71 1.95 4.19
CA ARG B 3 -9.44 2.65 4.07
C ARG B 3 -8.47 1.88 3.19
N VAL B 4 -7.78 2.60 2.31
CA VAL B 4 -6.81 1.98 1.40
C VAL B 4 -5.60 2.88 1.20
N CYS B 5 -4.42 2.29 1.25
CA CYS B 5 -3.17 3.03 1.07
C CYS B 5 -2.21 2.28 0.14
N ILE B 6 -1.48 3.03 -0.66
CA ILE B 6 -0.52 2.44 -1.60
C ILE B 6 0.90 2.88 -1.28
N ARG B 7 1.82 1.93 -1.32
CA ARG B 7 3.23 2.22 -1.04
C ARG B 7 4.12 1.71 -2.17
N VAL B 8 4.84 2.63 -2.81
CA VAL B 8 5.74 2.28 -3.91
C VAL B 8 7.18 2.64 -3.58
N CYS B 9 8.12 1.93 -4.20
CA CYS B 9 9.54 2.17 -3.97
C CYS B 9 10.36 1.78 -5.19
N ARG B 10 11.18 2.71 -5.67
CA ARG B 10 12.02 2.46 -6.83
C ARG B 10 13.13 3.50 -6.94
N ASN B 11 14.30 3.07 -7.40
CA ASN B 11 15.44 3.97 -7.56
C ASN B 11 15.60 4.86 -6.33
N GLY B 12 15.26 4.31 -5.17
CA GLY B 12 15.37 5.07 -3.93
C GLY B 12 14.11 5.82 -3.60
N VAL B 13 13.47 6.38 -4.62
CA VAL B 13 12.24 7.15 -4.44
C VAL B 13 11.11 6.24 -3.94
N CYS B 14 10.42 6.70 -2.89
CA CYS B 14 9.32 5.93 -2.33
C CYS B 14 8.07 6.79 -2.20
N TYR B 15 6.92 6.20 -2.52
CA TYR B 15 5.65 6.92 -2.45
C TYR B 15 4.73 6.29 -1.41
N ARG B 16 3.87 7.11 -0.81
CA ARG B 16 2.93 6.64 0.20
C ARG B 16 1.74 7.57 0.32
N ARG B 17 0.60 7.15 -0.20
CA ARG B 17 -0.61 7.96 -0.14
C ARG B 17 -1.84 7.08 0.09
N CYS B 18 -2.82 7.61 0.83
CA CYS B 18 -4.04 6.88 1.13
C CYS B 18 -5.25 7.57 0.51
N TRP B 19 -6.28 6.80 0.21
CA TRP B 19 -7.50 7.34 -0.38
C TRP B 19 -8.59 7.51 0.68
N GLY B 20 -9.70 8.12 0.29
CA GLY B 20 -10.78 8.34 1.21
C GLY B 20 -12.12 7.88 0.65
N SER A 1 17.28 -1.37 -3.33
CA SER A 1 16.40 -1.85 -4.38
C SER A 1 14.98 -1.30 -4.20
N PRO A 2 14.19 -1.33 -5.28
CA PRO A 2 12.80 -0.85 -5.26
C PRO A 2 11.88 -1.76 -4.46
N ARG A 3 10.67 -1.29 -4.20
CA ARG A 3 9.70 -2.06 -3.44
C ARG A 3 8.27 -1.62 -3.78
N VAL A 4 7.35 -2.58 -3.80
CA VAL A 4 5.95 -2.29 -4.11
C VAL A 4 5.03 -3.03 -3.14
N CYS A 5 4.43 -2.29 -2.22
CA CYS A 5 3.51 -2.86 -1.24
C CYS A 5 2.18 -2.12 -1.24
N ILE A 6 1.12 -2.82 -0.85
CA ILE A 6 -0.21 -2.23 -0.81
C ILE A 6 -1.04 -2.84 0.32
N ARG A 7 -1.91 -2.03 0.92
CA ARG A 7 -2.76 -2.49 2.00
C ARG A 7 -4.22 -2.08 1.76
N VAL A 8 -5.14 -2.92 2.21
CA VAL A 8 -6.56 -2.64 2.05
C VAL A 8 -7.36 -3.11 3.26
N CYS A 9 -8.47 -2.44 3.53
CA CYS A 9 -9.32 -2.78 4.66
C CYS A 9 -10.80 -2.66 4.30
N ARG A 10 -11.56 -3.71 4.56
CA ARG A 10 -12.99 -3.72 4.26
C ARG A 10 -13.78 -4.38 5.39
N ASN A 11 -14.95 -3.83 5.68
CA ASN A 11 -15.80 -4.36 6.74
C ASN A 11 -14.98 -4.72 7.97
N GLY A 12 -13.98 -3.90 8.27
CA GLY A 12 -13.14 -4.15 9.42
C GLY A 12 -11.94 -5.01 9.09
N VAL A 13 -12.15 -6.02 8.24
CA VAL A 13 -11.08 -6.92 7.85
C VAL A 13 -9.96 -6.16 7.16
N CYS A 14 -8.72 -6.43 7.58
CA CYS A 14 -7.56 -5.77 7.00
C CYS A 14 -6.54 -6.79 6.52
N TYR A 15 -5.86 -6.47 5.43
CA TYR A 15 -4.85 -7.36 4.85
C TYR A 15 -3.90 -6.61 3.93
N ARG A 16 -2.61 -6.81 4.12
CA ARG A 16 -1.59 -6.15 3.32
C ARG A 16 -0.93 -7.13 2.35
N ARG A 17 -0.84 -6.74 1.08
CA ARG A 17 -0.24 -7.59 0.06
C ARG A 17 0.78 -6.81 -0.76
N CYS A 18 1.77 -7.51 -1.29
CA CYS A 18 2.82 -6.89 -2.09
C CYS A 18 3.15 -7.74 -3.32
N TRP A 19 3.83 -7.14 -4.28
CA TRP A 19 4.22 -7.85 -5.50
C TRP A 19 5.74 -7.92 -5.62
N GLY A 20 6.28 -9.13 -5.57
CA GLY A 20 7.71 -9.32 -5.68
C GLY A 20 8.08 -10.73 -6.12
N SER B 1 -14.75 2.78 9.20
CA SER B 1 -14.88 2.78 7.75
C SER B 1 -13.68 2.11 7.09
N PRO B 2 -13.85 1.70 5.83
CA PRO B 2 -12.80 1.03 5.06
C PRO B 2 -11.66 1.97 4.70
N ARG B 3 -10.58 1.42 4.17
CA ARG B 3 -9.41 2.21 3.78
C ARG B 3 -8.60 1.49 2.71
N VAL B 4 -8.08 2.26 1.75
CA VAL B 4 -7.28 1.69 0.67
C VAL B 4 -6.07 2.57 0.37
N CYS B 5 -4.89 2.09 0.78
CA CYS B 5 -3.66 2.82 0.56
C CYS B 5 -2.60 1.94 -0.09
N ILE B 6 -1.62 2.56 -0.75
CA ILE B 6 -0.56 1.83 -1.42
C ILE B 6 0.77 2.56 -1.29
N ARG B 7 1.86 1.80 -1.19
CA ARG B 7 3.19 2.37 -1.07
C ARG B 7 4.10 1.88 -2.18
N VAL B 8 4.99 2.75 -2.64
CA VAL B 8 5.93 2.41 -3.71
C VAL B 8 7.29 3.02 -3.46
N CYS B 9 8.34 2.36 -3.95
CA CYS B 9 9.70 2.84 -3.78
C CYS B 9 10.49 2.68 -5.08
N ARG B 10 11.12 3.77 -5.52
CA ARG B 10 11.91 3.75 -6.75
C ARG B 10 13.22 4.52 -6.56
N ASN B 11 14.30 3.96 -7.09
CA ASN B 11 15.61 4.60 -6.98
C ASN B 11 15.84 5.14 -5.58
N GLY B 12 15.38 4.39 -4.58
CA GLY B 12 15.53 4.82 -3.20
C GLY B 12 14.37 5.65 -2.70
N VAL B 13 13.87 6.53 -3.56
CA VAL B 13 12.75 7.39 -3.21
C VAL B 13 11.53 6.57 -2.83
N CYS B 14 10.90 6.93 -1.71
CA CYS B 14 9.72 6.22 -1.24
C CYS B 14 8.59 7.20 -0.94
N TYR B 15 7.35 6.77 -1.20
CA TYR B 15 6.19 7.61 -0.96
C TYR B 15 4.92 6.77 -0.88
N ARG B 16 4.07 7.08 0.09
CA ARG B 16 2.82 6.35 0.27
C ARG B 16 1.62 7.26 0.00
N ARG B 17 0.69 6.77 -0.81
CA ARG B 17 -0.52 7.54 -1.13
C ARG B 17 -1.76 6.67 -1.06
N CYS B 18 -2.89 7.28 -0.74
CA CYS B 18 -4.16 6.56 -0.63
C CYS B 18 -5.15 7.06 -1.68
N TRP B 19 -6.21 6.28 -1.89
CA TRP B 19 -7.23 6.64 -2.86
C TRP B 19 -8.59 6.81 -2.19
N GLY B 20 -9.11 8.03 -2.20
CA GLY B 20 -10.40 8.29 -1.59
C GLY B 20 -11.06 9.54 -2.13
N SER A 1 16.16 -1.97 -5.88
CA SER A 1 15.36 -2.53 -4.80
C SER A 1 13.87 -2.25 -5.04
N PRO A 2 13.31 -2.93 -6.05
CA PRO A 2 11.88 -2.78 -6.40
C PRO A 2 10.96 -3.38 -5.35
N ARG A 3 10.23 -2.52 -4.66
CA ARG A 3 9.31 -2.95 -3.62
C ARG A 3 7.95 -2.26 -3.76
N VAL A 4 6.88 -3.05 -3.75
CA VAL A 4 5.53 -2.51 -3.87
C VAL A 4 4.59 -3.14 -2.86
N CYS A 5 4.24 -2.38 -1.83
CA CYS A 5 3.34 -2.87 -0.79
C CYS A 5 1.99 -2.15 -0.85
N ILE A 6 0.92 -2.90 -0.62
CA ILE A 6 -0.42 -2.33 -0.64
C ILE A 6 -1.26 -2.83 0.54
N ARG A 7 -1.99 -1.92 1.17
CA ARG A 7 -2.82 -2.27 2.31
C ARG A 7 -4.25 -1.76 2.11
N VAL A 8 -5.22 -2.59 2.44
CA VAL A 8 -6.63 -2.22 2.31
C VAL A 8 -7.44 -2.69 3.52
N CYS A 9 -8.55 -2.00 3.78
CA CYS A 9 -9.41 -2.33 4.90
C CYS A 9 -10.85 -1.95 4.61
N ARG A 10 -11.77 -2.90 4.76
CA ARG A 10 -13.18 -2.67 4.52
C ARG A 10 -14.04 -3.73 5.19
N ASN A 11 -15.23 -3.33 5.64
CA ASN A 11 -16.14 -4.24 6.31
C ASN A 11 -15.40 -5.10 7.33
N GLY A 12 -14.38 -4.53 7.96
CA GLY A 12 -13.61 -5.25 8.95
C GLY A 12 -12.44 -6.00 8.34
N VAL A 13 -12.66 -6.58 7.16
CA VAL A 13 -11.61 -7.32 6.47
C VAL A 13 -10.46 -6.41 6.06
N CYS A 14 -9.24 -6.83 6.36
CA CYS A 14 -8.05 -6.05 6.02
C CYS A 14 -7.08 -6.88 5.19
N TYR A 15 -6.72 -6.35 4.02
CA TYR A 15 -5.80 -7.04 3.13
C TYR A 15 -4.37 -6.51 3.31
N ARG A 16 -3.39 -7.32 2.91
CA ARG A 16 -1.99 -6.94 3.03
C ARG A 16 -1.12 -7.80 2.13
N ARG A 17 -0.65 -7.23 1.03
CA ARG A 17 0.20 -7.96 0.09
C ARG A 17 1.41 -7.12 -0.30
N CYS A 18 2.59 -7.71 -0.15
CA CYS A 18 3.84 -7.02 -0.49
C CYS A 18 4.55 -7.72 -1.64
N TRP A 19 4.89 -6.95 -2.67
CA TRP A 19 5.58 -7.49 -3.83
C TRP A 19 7.04 -7.04 -3.86
N GLY A 20 7.95 -7.99 -4.07
CA GLY A 20 9.36 -7.67 -4.11
C GLY A 20 9.81 -7.22 -5.49
N SER B 1 -15.45 2.13 7.54
CA SER B 1 -14.14 2.78 7.63
C SER B 1 -13.25 2.36 6.46
N PRO B 2 -13.61 2.83 5.25
CA PRO B 2 -12.86 2.52 4.03
C PRO B 2 -11.50 3.20 4.00
N ARG B 3 -10.44 2.40 4.09
CA ARG B 3 -9.08 2.92 4.08
C ARG B 3 -8.20 2.11 3.13
N VAL B 4 -7.52 2.81 2.22
CA VAL B 4 -6.65 2.15 1.25
C VAL B 4 -5.36 2.94 1.07
N CYS B 5 -4.27 2.41 1.63
CA CYS B 5 -2.96 3.06 1.53
C CYS B 5 -2.04 2.27 0.61
N ILE B 6 -1.22 2.98 -0.15
CA ILE B 6 -0.27 2.34 -1.06
C ILE B 6 1.13 2.89 -0.86
N ARG B 7 2.10 1.98 -0.74
CA ARG B 7 3.49 2.36 -0.54
C ARG B 7 4.39 1.73 -1.61
N VAL B 8 5.24 2.56 -2.21
CA VAL B 8 6.15 2.08 -3.25
C VAL B 8 7.55 2.66 -3.06
N CYS B 9 8.56 1.95 -3.56
CA CYS B 9 9.94 2.40 -3.46
C CYS B 9 10.77 1.89 -4.62
N ARG B 10 11.45 2.80 -5.30
CA ARG B 10 12.29 2.45 -6.44
C ARG B 10 13.30 3.55 -6.74
N ASN B 11 14.49 3.14 -7.20
CA ASN B 11 15.54 4.10 -7.52
C ASN B 11 15.67 5.15 -6.42
N GLY B 12 15.42 4.74 -5.19
CA GLY B 12 15.52 5.67 -4.06
C GLY B 12 14.20 6.37 -3.79
N VAL B 13 13.49 6.74 -4.84
CA VAL B 13 12.22 7.43 -4.70
C VAL B 13 11.18 6.52 -4.05
N CYS B 14 10.49 7.06 -3.04
CA CYS B 14 9.47 6.30 -2.33
C CYS B 14 8.14 7.05 -2.33
N TYR B 15 7.09 6.37 -2.81
CA TYR B 15 5.77 6.97 -2.87
C TYR B 15 4.92 6.54 -1.68
N ARG B 16 3.86 7.30 -1.41
CA ARG B 16 2.96 6.99 -0.29
C ARG B 16 1.71 7.86 -0.35
N ARG B 17 0.59 7.25 -0.74
CA ARG B 17 -0.67 7.96 -0.84
C ARG B 17 -1.82 7.09 -0.33
N CYS B 18 -2.79 7.73 0.32
CA CYS B 18 -3.95 7.02 0.86
C CYS B 18 -5.23 7.49 0.18
N TRP B 19 -6.00 6.55 -0.34
CA TRP B 19 -7.27 6.86 -1.01
C TRP B 19 -8.46 6.46 -0.15
N GLY B 20 -9.40 7.38 0.03
CA GLY B 20 -10.57 7.09 0.82
C GLY B 20 -11.67 6.41 0.03
#